data_7VQX
#
_entry.id   7VQX
#
_cell.length_a   1.00
_cell.length_b   1.00
_cell.length_c   1.00
_cell.angle_alpha   90.00
_cell.angle_beta   90.00
_cell.angle_gamma   90.00
#
_symmetry.space_group_name_H-M   'P 1'
#
loop_
_entity.id
_entity.type
_entity.pdbx_description
1 polymer 'Guanine nucleotide-binding protein G(s) subunit alpha isoforms short'
2 polymer 'Guanine nucleotide-binding protein G(I)/G(S)/G(T) subunit beta-1'
3 polymer 'Guanine nucleotide-binding protein G(I)/G(S)/G(O) subunit gamma-2'
4 polymer 'Pituitary adenylate cyclase-activating polypeptide 27'
5 polymer Nanobody-35
6 polymer 'Vasoactive intestinal polypeptide receptor 2'
#
loop_
_entity_poly.entity_id
_entity_poly.type
_entity_poly.pdbx_seq_one_letter_code
_entity_poly.pdbx_strand_id
1 'polypeptide(L)'
;MGCLGNSKTEDQRNEEKAQREANKKIEKQLQKDKQVYRATHRLLLLGAGESGKNTIVKQMRILHVNGFNGEGGEEDPQAA
RSNSDGEKATKVQDIKNNLKEAIETIVAAMSNLVPPVELANPENQFRVDYILSVMNVPDFDFPPEFYEHAKALWEDEGVR
ACYERSNEYQLIDCAQYFLDKIDVIKQDDYVPSDQDLLRCRVLTSGIFETKFQVDKVNFHMFDVGAQRDERRKWIQCFND
VTAIIFVVASSSYNMVIREDNQTNRLQAALKLFDSIWNNKWLRDTSVILFLNKQDLLAEKVLAGKSKIEDYFPEFARYTT
PEDATPEPGEDPRVTRAKYFIRDEFLRISTASGDGRHYCYPHFTCSVDTENIRRVFNDCRDIIQRMHLRQYELL
;
A
2 'polypeptide(L)'
;MHHHHHHSSGLVPRGSHMASHHHHHHHHHHGSLLQSELDQLRQEAEQLKNQIRDARKACADATLSQITNNIDPVGRIQMR
TRRTLRGHLAKIYAMHWGTDSRLLVSASQDGKLIIWDSYTTNKVHAIPLRSSWVMTCAYAPSGNYVACGGLDNICSIYNL
KTREGNVRVSRELAGHTGYLSCCRFLDDNQIVTSSGDTTCALWDIETGQQTTTFTGHTGDVMSLSLAPDTRLFVSGACDA
SAKLWDVREGMCRQTFTGHESDINAICFFPNGNAFATGSDDATCRLFDLRADQELMTYSHDNIICGITSVSFSKSGRLLL
AGYDDFNCNVWDALKADRAGVLAGHDNRVSCLGVTDDGMAVATGSWDSFLKIWNGSSGGGGSGGGGSSGVSGWRLFKKIS
;
B
3 'polypeptide(L)' MASNNTASIAQARKLVEQLKMEANIDRIKVSKAAADLMAYCEAHAKEDPLLTPVPASENPFREKKFFCAIL G
4 'polypeptide(L)' HSDGIFTDSYSRYRKQMAVKKYLAAVL L
5 'polypeptide(L)'
;MAQVQLQESGGGLVQPGGSLRLSCAASGFTFSNYKMNWVRQAPGKGLEWVSDISQSGASISYTGSVKGRFTISRDNAKNT
LYLQMNSLKPEDTAVYYCARCPAPFTRDCFDVTSTTYAYRGQGTQVTVSSHHHHHHEPEA
;
N
6 'polypeptide(L)'
;ECRFHLEIQEEETKCAELLRSQTEKHKACSGVWDNITCWRPANVGETVTVPCPKVFSNFYSKAGNISKNCTSDGWSETFP
DFVDACGYSDPEDESKITFYILVKAIYTLGYSVSLMSLATGSIILCLFRKLHCTRNYIHLNLFLSFILRAISVLVKDDVL
YSSSGTLHCPDQPSSWVGCKLSLVFLQYCIMANFFWLLVEGLYLHTLLVAMLPPRRCFLAYLLIGWGLPTVCIGAWTAAR
LYLEDTGCWDTNDHSVPWWVIRIPILISIIVNFVLFISIIRILLQKLTSPDVGGNDQSQYKRLAKSTLLLIPLFGVHYMV
FAVFPISISSKYQILFELCLGSFQGLVVAVLYCFLNSEVQCELKRKWRSRCPTPSASRDYRVCGSSFSRNGSEGALQFHR
GSRAQSFLQTETSVIVFTLEDFVGDWEQTAAYNLDQVLEQGGVSSLLQNLAVSVTPIQRIVRSGENALKIDIHVIIPYEG
LSADQMAQIEEVFKVVYPVDDHHFKVILPYGTLVIDGVTPNMLNYFGRPYEGIAVFDGKKITVTGTLWNGNKIIDERLIT
PDGSMLFRVTINS
;
R
#
# COMPACT_ATOMS: atom_id res chain seq x y z
N THR A 9 42.70 12.74 10.02
CA THR A 9 41.41 12.27 10.49
C THR A 9 41.02 12.95 11.79
N GLU A 10 41.97 13.71 12.36
CA GLU A 10 41.69 14.41 13.61
C GLU A 10 40.69 15.55 13.39
N ASP A 11 40.69 16.16 12.21
CA ASP A 11 39.81 17.28 11.91
C ASP A 11 38.46 16.85 11.34
N GLN A 12 38.27 15.56 11.04
CA GLN A 12 37.01 15.09 10.48
C GLN A 12 36.22 14.17 11.40
N ARG A 13 36.85 13.66 12.47
CA ARG A 13 36.10 12.85 13.43
C ARG A 13 35.03 13.67 14.13
N ASN A 14 35.39 14.91 14.54
CA ASN A 14 34.44 15.75 15.26
C ASN A 14 33.24 16.12 14.38
N GLU A 15 33.49 16.45 13.12
CA GLU A 15 32.38 16.84 12.25
C GLU A 15 31.49 15.66 11.92
N GLU A 16 32.06 14.46 11.75
CA GLU A 16 31.24 13.27 11.54
C GLU A 16 30.42 12.95 12.77
N LYS A 17 31.00 13.10 13.96
CA LYS A 17 30.23 12.89 15.19
C LYS A 17 29.09 13.90 15.29
N ALA A 18 29.36 15.15 14.93
CA ALA A 18 28.32 16.17 14.94
C ALA A 18 27.20 15.84 13.96
N GLN A 19 27.57 15.35 12.77
CA GLN A 19 26.54 14.96 11.81
C GLN A 19 25.71 13.80 12.34
N ARG A 20 26.35 12.81 12.98
CA ARG A 20 25.60 11.69 13.54
C ARG A 20 24.64 12.15 14.63
N GLU A 21 25.09 13.06 15.49
CA GLU A 21 24.19 13.57 16.53
C GLU A 21 23.04 14.37 15.94
N ALA A 22 23.32 15.19 14.91
CA ALA A 22 22.25 15.94 14.26
C ALA A 22 21.25 15.01 13.61
N ASN A 23 21.73 13.95 12.96
CA ASN A 23 20.83 12.98 12.36
C ASN A 23 20.00 12.28 13.41
N LYS A 24 20.59 11.97 14.58
CA LYS A 24 19.82 11.35 15.65
C LYS A 24 18.71 12.28 16.15
N LYS A 25 19.01 13.57 16.32
CA LYS A 25 17.97 14.52 16.71
C LYS A 25 16.87 14.59 15.66
N ILE A 26 17.26 14.65 14.38
CA ILE A 26 16.28 14.69 13.30
C ILE A 26 15.40 13.44 13.32
N GLU A 27 16.01 12.27 13.57
CA GLU A 27 15.24 11.04 13.59
C GLU A 27 14.27 10.99 14.76
N LYS A 28 14.67 11.49 15.93
CA LYS A 28 13.73 11.56 17.05
C LYS A 28 12.54 12.45 16.71
N GLN A 29 12.81 13.63 16.15
CA GLN A 29 11.73 14.53 15.79
C GLN A 29 10.84 13.91 14.70
N LEU A 30 11.45 13.18 13.77
CA LEU A 30 10.67 12.54 12.71
C LEU A 30 9.81 11.41 13.25
N GLN A 31 10.28 10.69 14.28
CA GLN A 31 9.46 9.68 14.92
C GLN A 31 8.25 10.31 15.59
N LYS A 32 8.47 11.44 16.28
CA LYS A 32 7.33 12.16 16.87
C LYS A 32 6.35 12.62 15.79
N ASP A 33 6.89 13.15 14.68
CA ASP A 33 6.03 13.62 13.59
C ASP A 33 5.26 12.47 12.95
N LYS A 34 5.90 11.30 12.82
CA LYS A 34 5.21 10.14 12.28
C LYS A 34 4.07 9.69 13.18
N GLN A 35 4.30 9.71 14.49
CA GLN A 35 3.23 9.34 15.41
C GLN A 35 2.07 10.32 15.32
N VAL A 36 2.36 11.61 15.17
CA VAL A 36 1.30 12.60 15.00
C VAL A 36 0.58 12.38 13.67
N TYR A 37 1.33 12.10 12.61
CA TYR A 37 0.77 12.01 11.27
C TYR A 37 -0.14 10.81 11.12
N ARG A 38 0.24 9.66 11.65
CA ARG A 38 -0.54 8.44 11.43
C ARG A 38 -1.85 8.42 12.23
N ALA A 39 -2.05 9.37 13.14
CA ALA A 39 -3.23 9.38 14.00
C ALA A 39 -4.33 10.30 13.51
N THR A 40 -4.17 10.92 12.33
CA THR A 40 -5.15 11.85 11.82
C THR A 40 -5.59 11.43 10.43
N HIS A 41 -6.85 11.74 10.10
CA HIS A 41 -7.44 11.40 8.82
C HIS A 41 -7.54 12.65 7.96
N ARG A 42 -7.02 12.57 6.74
CA ARG A 42 -7.08 13.68 5.79
C ARG A 42 -8.25 13.45 4.85
N LEU A 43 -9.11 14.44 4.73
CA LEU A 43 -10.30 14.37 3.87
C LEU A 43 -10.22 15.46 2.83
N LEU A 44 -10.66 15.16 1.60
CA LEU A 44 -10.71 16.16 0.55
C LEU A 44 -12.17 16.51 0.30
N LEU A 45 -12.54 17.77 0.58
CA LEU A 45 -13.89 18.24 0.35
C LEU A 45 -13.99 18.77 -1.08
N LEU A 46 -14.85 18.15 -1.88
CA LEU A 46 -14.98 18.49 -3.28
C LEU A 46 -16.44 18.72 -3.61
N GLY A 47 -16.69 19.61 -4.56
CA GLY A 47 -18.06 19.92 -4.95
C GLY A 47 -18.08 21.11 -5.88
N ALA A 48 -19.25 21.69 -6.03
CA ALA A 48 -19.45 22.90 -6.82
C ALA A 48 -19.76 24.08 -5.91
N GLY A 49 -19.69 25.28 -6.49
CA GLY A 49 -20.00 26.47 -5.72
C GLY A 49 -21.49 26.64 -5.43
N GLU A 50 -22.34 26.00 -6.21
CA GLU A 50 -23.78 26.09 -6.03
C GLU A 50 -24.34 25.01 -5.12
N SER A 51 -23.50 24.12 -4.61
CA SER A 51 -23.93 23.11 -3.66
C SER A 51 -23.92 23.71 -2.25
N GLY A 52 -24.04 22.87 -1.24
CA GLY A 52 -24.00 23.34 0.13
C GLY A 52 -22.66 23.16 0.78
N LYS A 53 -21.60 23.04 -0.03
CA LYS A 53 -20.27 22.74 0.49
C LYS A 53 -19.80 23.79 1.47
N ASN A 54 -19.95 25.07 1.11
CA ASN A 54 -19.51 26.14 1.99
C ASN A 54 -20.33 26.18 3.27
N THR A 55 -21.65 25.98 3.17
CA THR A 55 -22.47 25.92 4.37
C THR A 55 -22.11 24.73 5.24
N ILE A 56 -21.81 23.59 4.61
CA ILE A 56 -21.43 22.40 5.37
C ILE A 56 -20.14 22.64 6.13
N VAL A 57 -19.13 23.23 5.46
CA VAL A 57 -17.85 23.44 6.13
C VAL A 57 -17.97 24.53 7.19
N LYS A 58 -18.84 25.52 6.96
CA LYS A 58 -19.05 26.54 7.98
C LYS A 58 -19.72 25.96 9.22
N GLN A 59 -20.69 25.06 9.03
CA GLN A 59 -21.31 24.38 10.17
C GLN A 59 -20.30 23.49 10.88
N MET A 60 -19.43 22.82 10.13
CA MET A 60 -18.43 21.96 10.75
C MET A 60 -17.41 22.77 11.55
N ARG A 61 -17.08 23.98 11.08
CA ARG A 61 -16.16 24.83 11.84
C ARG A 61 -16.76 25.22 13.18
N ILE A 62 -18.05 25.54 13.21
CA ILE A 62 -18.73 25.94 14.44
C ILE A 62 -18.86 24.75 15.38
N THR A 204 -7.99 34.05 -1.54
CA THR A 204 -6.57 34.36 -1.51
C THR A 204 -5.72 33.10 -1.56
N SER A 205 -5.79 32.31 -0.49
CA SER A 205 -5.04 31.07 -0.42
C SER A 205 -5.64 30.03 -1.35
N GLY A 206 -4.76 29.18 -1.90
CA GLY A 206 -5.20 28.12 -2.79
C GLY A 206 -5.74 26.89 -2.13
N ILE A 207 -5.65 26.82 -0.79
CA ILE A 207 -6.12 25.66 -0.03
C ILE A 207 -6.69 26.18 1.28
N PHE A 208 -7.75 25.54 1.75
CA PHE A 208 -8.39 25.88 3.01
C PHE A 208 -8.38 24.67 3.91
N GLU A 209 -8.23 24.91 5.21
CA GLU A 209 -7.95 23.85 6.17
C GLU A 209 -8.98 23.89 7.30
N THR A 210 -9.39 22.70 7.76
CA THR A 210 -10.30 22.62 8.89
C THR A 210 -9.91 21.43 9.76
N LYS A 211 -9.70 21.67 11.04
CA LYS A 211 -9.39 20.63 12.00
C LYS A 211 -10.62 20.41 12.88
N PHE A 212 -11.13 19.18 12.92
CA PHE A 212 -12.22 18.89 13.83
C PHE A 212 -12.03 17.51 14.44
N GLN A 213 -12.38 17.37 15.71
CA GLN A 213 -12.12 16.16 16.48
C GLN A 213 -13.43 15.51 16.87
N VAL A 214 -13.57 14.23 16.54
CA VAL A 214 -14.75 13.45 16.88
C VAL A 214 -14.30 12.22 17.63
N ASP A 215 -14.80 12.04 18.85
CA ASP A 215 -14.49 10.89 19.70
C ASP A 215 -12.98 10.72 19.86
N LYS A 216 -12.31 11.84 20.14
CA LYS A 216 -10.86 11.89 20.33
C LYS A 216 -10.09 11.45 19.08
N VAL A 217 -10.72 11.54 17.91
CA VAL A 217 -10.08 11.23 16.64
C VAL A 217 -10.01 12.52 15.83
N ASN A 218 -8.82 12.84 15.34
CA ASN A 218 -8.59 14.08 14.60
C ASN A 218 -8.94 13.90 13.13
N PHE A 219 -9.60 14.90 12.55
CA PHE A 219 -9.97 14.92 11.16
C PHE A 219 -9.49 16.22 10.55
N HIS A 220 -8.85 16.12 9.39
CA HIS A 220 -8.12 17.22 8.76
C HIS A 220 -8.69 17.39 7.36
N MET A 221 -9.69 18.26 7.22
CA MET A 221 -10.44 18.38 5.98
C MET A 221 -9.91 19.56 5.17
N PHE A 222 -9.70 19.33 3.88
CA PHE A 222 -9.11 20.32 2.99
C PHE A 222 -10.11 20.72 1.92
N ASP A 223 -10.23 22.02 1.70
CA ASP A 223 -11.14 22.59 0.70
C ASP A 223 -10.32 23.29 -0.36
N VAL A 224 -10.76 23.16 -1.61
CA VAL A 224 -10.04 23.78 -2.71
C VAL A 224 -10.34 25.28 -2.74
N GLY A 225 -9.30 26.09 -2.81
CA GLY A 225 -9.46 27.53 -2.76
C GLY A 225 -9.31 28.22 -4.09
N ALA A 226 -8.27 29.05 -4.22
CA ALA A 226 -8.04 29.83 -5.44
C ALA A 226 -7.39 28.94 -6.48
N GLN A 227 -8.20 28.08 -7.10
CA GLN A 227 -7.76 27.19 -8.14
C GLN A 227 -8.68 27.32 -9.35
N ARG A 228 -8.16 26.96 -10.52
CA ARG A 228 -8.97 26.93 -11.72
C ARG A 228 -9.83 25.67 -11.75
N ASP A 229 -10.69 25.58 -12.77
CA ASP A 229 -11.54 24.42 -12.97
C ASP A 229 -10.82 23.27 -13.67
N GLU A 230 -9.49 23.35 -13.75
CA GLU A 230 -8.66 22.32 -14.38
C GLU A 230 -8.13 21.42 -13.27
N ARG A 231 -8.93 20.43 -12.88
CA ARG A 231 -8.59 19.56 -11.76
C ARG A 231 -7.68 18.41 -12.15
N ARG A 232 -7.28 18.31 -13.41
CA ARG A 232 -6.49 17.18 -13.90
C ARG A 232 -5.25 16.94 -13.04
N LYS A 233 -4.51 18.01 -12.73
CA LYS A 233 -3.16 17.89 -12.20
C LYS A 233 -3.10 17.94 -10.68
N TRP A 234 -3.89 18.78 -10.03
CA TRP A 234 -3.82 18.88 -8.59
C TRP A 234 -4.76 17.91 -7.88
N ILE A 235 -5.56 17.14 -8.61
CA ILE A 235 -6.36 16.11 -7.96
C ILE A 235 -5.46 14.96 -7.49
N GLN A 236 -4.37 14.69 -8.22
CA GLN A 236 -3.48 13.60 -7.87
C GLN A 236 -2.78 13.81 -6.54
N CYS A 237 -2.78 15.04 -6.02
CA CYS A 237 -2.24 15.30 -4.70
C CYS A 237 -3.05 14.66 -3.59
N PHE A 238 -4.28 14.21 -3.88
CA PHE A 238 -5.19 13.71 -2.86
C PHE A 238 -5.49 12.21 -3.03
N ASN A 239 -4.51 11.45 -3.50
CA ASN A 239 -4.71 10.03 -3.70
C ASN A 239 -4.49 9.21 -2.44
N ASP A 240 -3.92 9.80 -1.40
CA ASP A 240 -3.66 9.10 -0.13
C ASP A 240 -4.58 9.56 0.98
N VAL A 241 -5.57 10.40 0.68
CA VAL A 241 -6.51 10.81 1.72
C VAL A 241 -7.43 9.64 2.07
N THR A 242 -8.01 9.73 3.27
CA THR A 242 -8.95 8.70 3.69
C THR A 242 -10.20 8.69 2.80
N ALA A 243 -10.72 9.87 2.48
CA ALA A 243 -11.92 9.93 1.66
C ALA A 243 -12.00 11.27 0.95
N ILE A 244 -12.71 11.26 -0.16
CA ILE A 244 -13.13 12.47 -0.87
C ILE A 244 -14.61 12.64 -0.59
N ILE A 245 -14.97 13.70 0.12
CA ILE A 245 -16.36 14.02 0.39
C ILE A 245 -16.85 14.82 -0.81
N PHE A 246 -17.66 14.18 -1.66
CA PHE A 246 -18.17 14.77 -2.89
C PHE A 246 -19.59 15.26 -2.62
N VAL A 247 -19.78 16.57 -2.67
CA VAL A 247 -21.07 17.18 -2.37
C VAL A 247 -21.75 17.55 -3.68
N VAL A 248 -22.98 17.09 -3.87
CA VAL A 248 -23.73 17.33 -5.09
C VAL A 248 -25.12 17.89 -4.75
N ALA A 249 -25.49 18.98 -5.41
CA ALA A 249 -26.81 19.57 -5.20
C ALA A 249 -27.84 18.85 -6.05
N SER A 250 -28.81 18.20 -5.39
CA SER A 250 -29.83 17.41 -6.07
C SER A 250 -30.91 18.35 -6.61
N SER A 251 -30.56 19.04 -7.69
CA SER A 251 -31.49 19.98 -8.32
C SER A 251 -31.03 20.20 -9.76
N SER A 252 -31.84 19.75 -10.71
CA SER A 252 -31.52 19.89 -12.12
C SER A 252 -32.66 20.56 -12.88
N ASN A 261 -32.95 27.28 -13.72
CA ASN A 261 -31.59 26.79 -13.55
C ASN A 261 -30.70 27.16 -14.73
N GLN A 262 -29.40 27.20 -14.50
CA GLN A 262 -28.47 27.48 -15.59
C GLN A 262 -28.47 26.35 -16.61
N THR A 263 -28.29 25.13 -16.16
CA THR A 263 -28.21 23.96 -17.04
C THR A 263 -28.35 22.71 -16.17
N ASN A 264 -28.14 21.55 -16.78
CA ASN A 264 -28.19 20.27 -16.08
C ASN A 264 -26.93 20.12 -15.22
N ARG A 265 -26.95 20.75 -14.05
CA ARG A 265 -25.81 20.68 -13.16
C ARG A 265 -25.65 19.30 -12.55
N LEU A 266 -26.75 18.57 -12.41
CA LEU A 266 -26.67 17.19 -11.93
C LEU A 266 -25.90 16.31 -12.91
N GLN A 267 -26.06 16.53 -14.21
CA GLN A 267 -25.29 15.79 -15.20
C GLN A 267 -23.80 16.13 -15.11
N ALA A 268 -23.47 17.41 -14.89
CA ALA A 268 -22.08 17.79 -14.72
C ALA A 268 -21.48 17.13 -13.49
N ALA A 269 -22.25 17.06 -12.40
CA ALA A 269 -21.77 16.39 -11.20
C ALA A 269 -21.61 14.89 -11.43
N LEU A 270 -22.50 14.28 -12.20
CA LEU A 270 -22.36 12.86 -12.54
C LEU A 270 -21.09 12.62 -13.34
N LYS A 271 -20.81 13.49 -14.31
CA LYS A 271 -19.59 13.34 -15.11
C LYS A 271 -18.35 13.53 -14.25
N LEU A 272 -18.37 14.49 -13.31
CA LEU A 272 -17.25 14.69 -12.42
C LEU A 272 -17.04 13.48 -11.50
N PHE A 273 -18.13 12.91 -10.99
CA PHE A 273 -18.00 11.71 -10.17
C PHE A 273 -17.45 10.54 -10.98
N ASP A 274 -17.88 10.41 -12.24
CA ASP A 274 -17.34 9.37 -13.10
C ASP A 274 -15.85 9.56 -13.32
N SER A 275 -15.41 10.81 -13.51
CA SER A 275 -13.99 11.08 -13.68
C SER A 275 -13.20 10.76 -12.41
N ILE A 276 -13.73 11.13 -11.25
CA ILE A 276 -13.03 10.84 -9.99
C ILE A 276 -12.94 9.34 -9.76
N TRP A 277 -14.04 8.62 -10.01
CA TRP A 277 -14.09 7.19 -9.73
C TRP A 277 -13.10 6.42 -10.59
N ASN A 278 -12.96 6.79 -11.85
CA ASN A 278 -12.19 6.02 -12.83
C ASN A 278 -10.76 6.53 -13.02
N ASN A 279 -10.33 7.49 -12.21
CA ASN A 279 -8.95 7.97 -12.30
C ASN A 279 -8.00 6.92 -11.73
N LYS A 280 -6.90 6.68 -12.45
CA LYS A 280 -5.98 5.62 -12.07
C LYS A 280 -5.25 5.91 -10.76
N TRP A 281 -5.18 7.17 -10.34
CA TRP A 281 -4.54 7.50 -9.08
C TRP A 281 -5.53 7.58 -7.93
N LEU A 282 -6.81 7.79 -8.22
CA LEU A 282 -7.86 7.81 -7.21
C LEU A 282 -8.63 6.50 -7.16
N ARG A 283 -8.11 5.44 -7.77
CA ARG A 283 -8.81 4.16 -7.83
C ARG A 283 -8.78 3.40 -6.52
N ASP A 284 -7.99 3.85 -5.54
CA ASP A 284 -8.01 3.27 -4.20
C ASP A 284 -8.59 4.23 -3.17
N THR A 285 -9.06 5.40 -3.59
CA THR A 285 -9.61 6.40 -2.69
C THR A 285 -11.12 6.26 -2.65
N SER A 286 -11.69 6.24 -1.45
CA SER A 286 -13.13 6.13 -1.28
C SER A 286 -13.78 7.51 -1.37
N VAL A 287 -15.05 7.51 -1.74
CA VAL A 287 -15.82 8.74 -1.92
C VAL A 287 -17.04 8.67 -1.01
N ILE A 288 -17.21 9.68 -0.17
CA ILE A 288 -18.40 9.86 0.64
C ILE A 288 -19.29 10.83 -0.11
N LEU A 289 -20.43 10.34 -0.58
CA LEU A 289 -21.31 11.12 -1.45
C LEU A 289 -22.38 11.82 -0.61
N PHE A 290 -22.48 13.13 -0.76
CA PHE A 290 -23.48 13.93 -0.04
C PHE A 290 -24.48 14.45 -1.06
N LEU A 291 -25.65 13.82 -1.09
CA LEU A 291 -26.76 14.25 -1.95
C LEU A 291 -27.45 15.42 -1.26
N ASN A 292 -26.79 16.57 -1.31
CA ASN A 292 -27.16 17.71 -0.49
C ASN A 292 -28.41 18.39 -1.04
N LYS A 293 -28.96 19.31 -0.25
CA LYS A 293 -30.12 20.12 -0.61
C LYS A 293 -31.35 19.24 -0.85
N GLN A 294 -31.69 18.46 0.18
CA GLN A 294 -32.85 17.58 0.10
C GLN A 294 -34.16 18.35 0.22
N ASP A 295 -34.14 19.49 0.93
CA ASP A 295 -35.36 20.28 1.05
C ASP A 295 -35.76 20.90 -0.28
N LEU A 296 -34.79 21.25 -1.11
CA LEU A 296 -35.12 21.74 -2.45
C LEU A 296 -35.78 20.66 -3.29
N LEU A 297 -35.30 19.41 -3.18
CA LEU A 297 -36.00 18.30 -3.82
C LEU A 297 -37.41 18.14 -3.27
N ALA A 298 -37.56 18.27 -1.95
CA ALA A 298 -38.88 18.11 -1.35
C ALA A 298 -39.87 19.15 -1.86
N GLU A 299 -39.45 20.41 -1.90
CA GLU A 299 -40.35 21.50 -2.28
C GLU A 299 -40.27 21.84 -3.77
N LYS A 300 -39.56 21.06 -4.57
CA LYS A 300 -39.50 21.26 -6.01
C LYS A 300 -40.34 20.25 -6.78
N VAL A 301 -40.37 18.99 -6.33
CA VAL A 301 -41.20 17.99 -7.01
C VAL A 301 -42.64 18.02 -6.53
N LEU A 302 -42.92 18.68 -5.41
CA LEU A 302 -44.29 18.90 -4.96
C LEU A 302 -44.84 20.24 -5.45
N ALA A 303 -44.05 21.03 -6.16
CA ALA A 303 -44.52 22.28 -6.72
C ALA A 303 -45.33 22.10 -7.99
N GLY A 304 -45.32 20.91 -8.59
CA GLY A 304 -46.13 20.63 -9.76
C GLY A 304 -45.33 20.35 -11.01
N LYS A 305 -44.26 21.11 -11.22
CA LYS A 305 -43.43 20.92 -12.41
C LYS A 305 -41.96 21.09 -12.02
N SER A 306 -41.11 20.24 -12.59
CA SER A 306 -39.67 20.26 -12.32
C SER A 306 -38.93 20.01 -13.63
N LYS A 307 -37.61 19.88 -13.52
CA LYS A 307 -36.74 19.62 -14.66
C LYS A 307 -35.99 18.30 -14.50
N ILE A 308 -36.58 17.34 -13.80
CA ILE A 308 -35.98 16.04 -13.57
C ILE A 308 -36.62 14.96 -14.44
N GLU A 309 -37.93 15.04 -14.65
CA GLU A 309 -38.60 14.06 -15.49
C GLU A 309 -38.25 14.24 -16.96
N ASP A 310 -37.86 15.45 -17.36
CA ASP A 310 -37.50 15.72 -18.75
C ASP A 310 -36.01 15.52 -19.01
N TYR A 311 -35.15 16.05 -18.13
CA TYR A 311 -33.71 15.96 -18.32
C TYR A 311 -33.18 14.55 -18.09
N PHE A 312 -33.97 13.65 -17.51
CA PHE A 312 -33.61 12.25 -17.33
C PHE A 312 -34.78 11.41 -17.82
N PRO A 313 -34.78 11.02 -19.10
CA PRO A 313 -35.95 10.32 -19.66
C PRO A 313 -36.24 8.98 -19.01
N GLU A 314 -35.26 8.35 -18.38
CA GLU A 314 -35.48 7.06 -17.75
C GLU A 314 -36.10 7.16 -16.36
N PHE A 315 -36.36 8.37 -15.87
CA PHE A 315 -37.01 8.52 -14.57
C PHE A 315 -38.48 8.11 -14.64
N ALA A 316 -39.11 8.26 -15.81
CA ALA A 316 -40.52 7.89 -15.93
C ALA A 316 -40.73 6.40 -15.67
N ARG A 317 -39.86 5.56 -16.23
CA ARG A 317 -39.94 4.12 -16.02
C ARG A 317 -39.07 3.66 -14.87
N TYR A 318 -39.23 4.28 -13.71
CA TYR A 318 -38.45 3.97 -12.52
C TYR A 318 -39.37 3.79 -11.32
N THR A 319 -39.12 2.73 -10.55
CA THR A 319 -39.89 2.44 -9.35
C THR A 319 -38.97 2.48 -8.15
N THR A 320 -39.53 2.90 -7.01
CA THR A 320 -38.73 3.05 -5.80
C THR A 320 -38.13 1.70 -5.41
N PRO A 321 -36.85 1.66 -5.04
CA PRO A 321 -36.24 0.38 -4.65
C PRO A 321 -36.92 -0.21 -3.42
N GLU A 322 -36.92 -1.54 -3.36
CA GLU A 322 -37.55 -2.23 -2.24
C GLU A 322 -36.85 -1.92 -0.93
N ASP A 323 -35.52 -1.87 -0.95
CA ASP A 323 -34.75 -1.60 0.26
C ASP A 323 -34.72 -0.12 0.63
N ALA A 324 -35.55 0.71 0.00
CA ALA A 324 -35.62 2.11 0.34
C ALA A 324 -36.20 2.29 1.74
N THR A 325 -35.72 3.33 2.43
CA THR A 325 -36.15 3.65 3.79
C THR A 325 -36.60 5.10 3.83
N PRO A 326 -37.82 5.38 3.37
CA PRO A 326 -38.30 6.76 3.33
C PRO A 326 -38.48 7.34 4.73
N GLU A 327 -38.23 8.64 4.84
CA GLU A 327 -38.48 9.35 6.09
C GLU A 327 -39.99 9.41 6.35
N PRO A 328 -40.41 9.24 7.60
CA PRO A 328 -41.86 9.22 7.87
C PRO A 328 -42.55 10.52 7.44
N GLY A 329 -43.75 10.36 6.89
CA GLY A 329 -44.48 11.50 6.36
C GLY A 329 -43.85 12.14 5.14
N GLU A 330 -43.38 11.33 4.20
CA GLU A 330 -42.77 11.82 2.97
C GLU A 330 -43.57 11.33 1.78
N ASP A 331 -43.82 12.23 0.83
CA ASP A 331 -44.55 11.87 -0.38
C ASP A 331 -43.77 10.81 -1.15
N PRO A 332 -44.42 9.78 -1.70
CA PRO A 332 -43.68 8.79 -2.49
C PRO A 332 -42.95 9.37 -3.70
N ARG A 333 -43.44 10.48 -4.26
CA ARG A 333 -42.74 11.13 -5.36
C ARG A 333 -41.38 11.65 -4.92
N VAL A 334 -41.32 12.24 -3.72
CA VAL A 334 -40.06 12.81 -3.22
C VAL A 334 -39.01 11.72 -3.05
N THR A 335 -39.38 10.63 -2.39
CA THR A 335 -38.41 9.54 -2.20
C THR A 335 -38.09 8.84 -3.51
N ARG A 336 -39.05 8.80 -4.45
CA ARG A 336 -38.75 8.25 -5.76
C ARG A 336 -37.66 9.06 -6.46
N ALA A 337 -37.79 10.39 -6.43
CA ALA A 337 -36.75 11.24 -7.04
C ALA A 337 -35.42 11.10 -6.32
N LYS A 338 -35.45 11.09 -4.98
CA LYS A 338 -34.22 10.95 -4.20
C LYS A 338 -33.48 9.67 -4.58
N TYR A 339 -34.18 8.55 -4.55
CA TYR A 339 -33.53 7.27 -4.83
C TYR A 339 -33.20 7.11 -6.30
N PHE A 340 -33.91 7.79 -7.19
CA PHE A 340 -33.51 7.79 -8.59
C PHE A 340 -32.15 8.47 -8.77
N ILE A 341 -31.95 9.63 -8.15
CA ILE A 341 -30.65 10.29 -8.24
C ILE A 341 -29.56 9.46 -7.57
N ARG A 342 -29.87 8.88 -6.41
CA ARG A 342 -28.90 8.03 -5.72
C ARG A 342 -28.51 6.84 -6.59
N ASP A 343 -29.48 6.25 -7.30
CA ASP A 343 -29.19 5.13 -8.19
C ASP A 343 -28.45 5.58 -9.43
N GLU A 344 -28.68 6.81 -9.89
CA GLU A 344 -27.86 7.35 -10.99
C GLU A 344 -26.39 7.40 -10.59
N PHE A 345 -26.11 7.81 -9.36
CA PHE A 345 -24.72 7.83 -8.92
C PHE A 345 -24.18 6.43 -8.68
N LEU A 346 -25.01 5.52 -8.15
CA LEU A 346 -24.55 4.16 -7.87
C LEU A 346 -24.39 3.33 -9.14
N ARG A 347 -25.04 3.70 -10.24
CA ARG A 347 -24.87 2.97 -11.49
C ARG A 347 -23.43 3.04 -11.98
N ILE A 348 -22.83 4.23 -11.90
CA ILE A 348 -21.44 4.39 -12.28
C ILE A 348 -20.49 4.12 -11.12
N SER A 349 -20.96 4.17 -9.88
CA SER A 349 -20.12 3.77 -8.76
C SER A 349 -19.87 2.27 -8.76
N THR A 350 -20.89 1.46 -9.00
CA THR A 350 -20.77 0.01 -8.93
C THR A 350 -20.31 -0.63 -10.23
N ALA A 351 -20.17 0.15 -11.31
CA ALA A 351 -19.71 -0.40 -12.57
C ALA A 351 -18.22 -0.72 -12.57
N SER A 352 -17.43 -0.05 -11.73
CA SER A 352 -15.98 -0.23 -11.77
C SER A 352 -15.35 -0.29 -10.39
N GLY A 353 -16.12 -0.65 -9.35
CA GLY A 353 -15.57 -0.62 -7.99
C GLY A 353 -14.45 -1.61 -7.79
N ASP A 354 -14.68 -2.87 -8.15
CA ASP A 354 -13.71 -3.96 -8.07
C ASP A 354 -13.20 -4.21 -6.64
N GLY A 355 -13.83 -3.61 -5.63
CA GLY A 355 -13.42 -3.82 -4.26
C GLY A 355 -12.24 -3.00 -3.79
N ARG A 356 -11.66 -2.18 -4.67
CA ARG A 356 -10.53 -1.34 -4.26
C ARG A 356 -10.98 -0.18 -3.38
N HIS A 357 -12.15 0.38 -3.68
CA HIS A 357 -12.64 1.56 -3.01
C HIS A 357 -14.16 1.52 -3.04
N TYR A 358 -14.78 2.33 -2.18
CA TYR A 358 -16.20 2.24 -1.93
C TYR A 358 -16.84 3.61 -1.94
N CYS A 359 -18.14 3.64 -2.23
CA CYS A 359 -18.93 4.86 -2.24
C CYS A 359 -19.95 4.82 -1.12
N TYR A 360 -20.17 5.95 -0.47
CA TYR A 360 -21.07 6.07 0.67
C TYR A 360 -22.06 7.19 0.41
N PRO A 361 -23.15 6.92 -0.31
CA PRO A 361 -24.16 7.95 -0.54
C PRO A 361 -24.91 8.30 0.73
N HIS A 362 -25.23 9.59 0.87
CA HIS A 362 -25.99 10.10 2.00
C HIS A 362 -26.92 11.20 1.51
N PHE A 363 -28.14 11.25 2.07
CA PHE A 363 -29.07 12.33 1.81
C PHE A 363 -28.88 13.38 2.89
N THR A 364 -28.27 14.50 2.53
CA THR A 364 -27.96 15.57 3.48
C THR A 364 -28.75 16.83 3.14
N CYS A 365 -28.85 17.71 4.13
CA CYS A 365 -29.56 18.97 3.97
C CYS A 365 -28.71 20.20 4.23
N SER A 366 -27.40 20.02 4.50
CA SER A 366 -26.42 21.09 4.62
C SER A 366 -26.57 21.89 5.90
N VAL A 367 -27.64 21.67 6.66
CA VAL A 367 -27.77 22.26 7.98
C VAL A 367 -28.31 21.22 8.96
N ASP A 368 -27.39 20.56 9.66
CA ASP A 368 -27.70 19.53 10.64
C ASP A 368 -26.39 19.08 11.28
N THR A 369 -26.51 18.51 12.47
CA THR A 369 -25.35 18.08 13.25
C THR A 369 -24.91 16.66 12.93
N GLU A 370 -25.58 15.98 12.00
CA GLU A 370 -25.29 14.57 11.74
C GLU A 370 -24.29 14.36 10.61
N ASN A 371 -23.91 15.40 9.86
CA ASN A 371 -22.98 15.21 8.75
C ASN A 371 -21.59 14.83 9.25
N ILE A 372 -21.16 15.43 10.36
CA ILE A 372 -19.86 15.10 10.94
C ILE A 372 -19.86 13.65 11.42
N ARG A 373 -20.99 13.18 11.95
CA ARG A 373 -21.08 11.79 12.37
C ARG A 373 -21.12 10.84 11.18
N ARG A 374 -21.75 11.26 10.08
CA ARG A 374 -21.71 10.47 8.86
C ARG A 374 -20.28 10.31 8.38
N VAL A 375 -19.53 11.40 8.36
CA VAL A 375 -18.12 11.35 7.93
C VAL A 375 -17.33 10.44 8.85
N PHE A 376 -17.54 10.55 10.17
CA PHE A 376 -16.83 9.71 11.13
C PHE A 376 -17.11 8.23 10.89
N ASN A 377 -18.38 7.87 10.73
CA ASN A 377 -18.74 6.47 10.54
C ASN A 377 -18.21 5.93 9.23
N ASP A 378 -18.27 6.73 8.16
CA ASP A 378 -17.77 6.28 6.87
C ASP A 378 -16.26 6.12 6.89
N CYS A 379 -15.55 7.00 7.59
CA CYS A 379 -14.10 6.84 7.74
C CYS A 379 -13.77 5.59 8.53
N ARG A 380 -14.54 5.31 9.58
CA ARG A 380 -14.34 4.07 10.34
C ARG A 380 -14.53 2.85 9.45
N ASP A 381 -15.58 2.86 8.62
CA ASP A 381 -15.82 1.76 7.70
C ASP A 381 -14.67 1.61 6.71
N ILE A 382 -14.15 2.73 6.19
CA ILE A 382 -13.06 2.68 5.22
C ILE A 382 -11.82 2.06 5.87
N ILE A 383 -11.49 2.49 7.08
CA ILE A 383 -10.30 1.98 7.76
C ILE A 383 -10.45 0.49 8.07
N GLN A 384 -11.63 0.08 8.53
CA GLN A 384 -11.85 -1.33 8.82
C GLN A 384 -11.77 -2.19 7.56
N ARG A 385 -12.31 -1.70 6.45
CA ARG A 385 -12.23 -2.46 5.20
C ARG A 385 -10.78 -2.55 4.71
N MET A 386 -10.00 -1.48 4.88
CA MET A 386 -8.59 -1.54 4.53
C MET A 386 -7.85 -2.58 5.37
N HIS A 387 -8.13 -2.61 6.68
CA HIS A 387 -7.49 -3.60 7.55
C HIS A 387 -7.89 -5.01 7.16
N LEU A 388 -9.18 -5.23 6.85
CA LEU A 388 -9.62 -6.55 6.43
C LEU A 388 -9.02 -6.95 5.09
N ARG A 389 -8.78 -5.99 4.21
CA ARG A 389 -8.12 -6.28 2.94
C ARG A 389 -6.66 -6.67 3.14
N GLN A 390 -6.00 -6.07 4.14
CA GLN A 390 -4.61 -6.46 4.42
C GLN A 390 -4.51 -7.92 4.84
N TYR A 391 -5.57 -8.47 5.42
CA TYR A 391 -5.61 -9.86 5.86
C TYR A 391 -6.23 -10.79 4.81
N GLU A 392 -6.56 -10.27 3.62
CA GLU A 392 -7.22 -11.03 2.57
C GLU A 392 -8.50 -11.70 3.05
N LEU A 393 -9.25 -11.01 3.90
CA LEU A 393 -10.60 -11.39 4.28
C LEU A 393 -11.66 -10.70 3.43
N LEU A 394 -11.26 -9.87 2.47
CA LEU A 394 -12.22 -9.20 1.61
C LEU A 394 -11.76 -9.28 0.15
N GLU B 37 -15.03 40.38 -38.03
CA GLU B 37 -13.84 40.89 -37.37
C GLU B 37 -13.01 39.74 -36.80
N LEU B 38 -13.65 38.88 -36.02
CA LEU B 38 -12.94 37.73 -35.44
C LEU B 38 -12.68 36.65 -36.49
N ASP B 39 -13.60 36.47 -37.44
CA ASP B 39 -13.43 35.42 -38.44
C ASP B 39 -12.21 35.66 -39.31
N GLN B 40 -12.05 36.88 -39.82
CA GLN B 40 -10.88 37.18 -40.65
C GLN B 40 -9.60 37.12 -39.84
N LEU B 41 -9.65 37.56 -38.58
CA LEU B 41 -8.45 37.52 -37.75
C LEU B 41 -8.01 36.08 -37.49
N ARG B 42 -8.97 35.19 -37.24
CA ARG B 42 -8.64 33.77 -37.12
C ARG B 42 -8.12 33.20 -38.43
N GLN B 43 -8.74 33.59 -39.56
CA GLN B 43 -8.34 33.07 -40.86
C GLN B 43 -6.97 33.58 -41.29
N GLU B 44 -6.49 34.68 -40.71
CA GLU B 44 -5.12 35.10 -40.98
C GLU B 44 -4.13 34.56 -39.96
N ALA B 45 -4.58 34.33 -38.72
CA ALA B 45 -3.72 33.63 -37.77
C ALA B 45 -3.42 32.21 -38.23
N GLU B 46 -4.41 31.54 -38.82
CA GLU B 46 -4.17 30.19 -39.33
C GLU B 46 -3.17 30.19 -40.48
N GLN B 47 -3.18 31.22 -41.33
CA GLN B 47 -2.19 31.24 -42.41
C GLN B 47 -0.81 31.69 -41.90
N LEU B 48 -0.76 32.48 -40.83
CA LEU B 48 0.52 32.64 -40.12
C LEU B 48 1.04 31.30 -39.64
N LYS B 49 0.18 30.48 -39.05
CA LYS B 49 0.60 29.15 -38.59
C LYS B 49 1.05 28.29 -39.77
N ASN B 50 0.35 28.38 -40.91
CA ASN B 50 0.74 27.64 -42.09
C ASN B 50 2.11 28.07 -42.61
N GLN B 51 2.37 29.39 -42.60
CA GLN B 51 3.69 29.88 -43.00
C GLN B 51 4.77 29.38 -42.05
N ILE B 52 4.47 29.37 -40.75
CA ILE B 52 5.43 28.88 -39.77
C ILE B 52 5.76 27.41 -40.04
N ARG B 53 4.73 26.60 -40.25
CA ARG B 53 4.98 25.17 -40.47
C ARG B 53 5.66 24.92 -41.81
N ASP B 54 5.40 25.77 -42.81
CA ASP B 54 6.13 25.66 -44.08
C ASP B 54 7.61 25.97 -43.88
N ALA B 55 7.92 26.99 -43.07
CA ALA B 55 9.32 27.27 -42.75
C ALA B 55 9.95 26.10 -42.00
N ARG B 56 9.21 25.49 -41.08
CA ARG B 56 9.72 24.32 -40.36
C ARG B 56 10.00 23.17 -41.32
N LYS B 57 9.10 22.94 -42.29
CA LYS B 57 9.32 21.89 -43.28
C LYS B 57 10.54 22.19 -44.13
N ALA B 58 10.74 23.46 -44.49
CA ALA B 58 11.92 23.85 -45.23
C ALA B 58 13.19 23.59 -44.43
N CYS B 59 13.15 23.84 -43.11
CA CYS B 59 14.31 23.58 -42.28
C CYS B 59 14.65 22.11 -42.22
N ALA B 60 13.64 21.24 -42.13
CA ALA B 60 13.86 19.82 -41.93
C ALA B 60 14.11 19.16 -43.28
N ASP B 61 15.36 18.78 -43.53
CA ASP B 61 15.71 18.04 -44.74
C ASP B 61 16.48 16.78 -44.37
N ALA B 62 17.20 16.83 -43.25
CA ALA B 62 17.94 15.69 -42.72
C ALA B 62 17.50 15.43 -41.29
N THR B 63 17.19 14.17 -40.99
CA THR B 63 16.75 13.78 -39.66
C THR B 63 17.94 13.47 -38.77
N LEU B 64 17.78 13.74 -37.48
CA LEU B 64 18.85 13.50 -36.52
C LEU B 64 19.21 12.01 -36.45
N SER B 65 18.23 11.13 -36.64
CA SER B 65 18.51 9.70 -36.62
C SER B 65 19.43 9.29 -37.77
N GLN B 66 19.21 9.86 -38.96
CA GLN B 66 20.04 9.52 -40.10
C GLN B 66 21.48 9.97 -39.91
N ILE B 67 21.67 11.18 -39.37
CA ILE B 67 23.03 11.70 -39.19
C ILE B 67 23.76 10.99 -38.05
N THR B 68 23.04 10.26 -37.19
CA THR B 68 23.65 9.55 -36.08
C THR B 68 23.80 8.05 -36.36
N ASN B 69 23.64 7.64 -37.62
CA ASN B 69 23.90 6.24 -37.95
C ASN B 69 25.39 5.91 -37.87
N ASN B 70 26.25 6.88 -38.18
CA ASN B 70 27.69 6.63 -38.23
C ASN B 70 28.28 6.39 -36.84
N ILE B 71 27.59 6.76 -35.78
CA ILE B 71 28.12 6.61 -34.43
C ILE B 71 27.75 5.23 -33.89
N ASP B 72 28.47 4.80 -32.84
CA ASP B 72 28.23 3.50 -32.25
C ASP B 72 27.26 3.62 -31.07
N PRO B 73 26.47 2.59 -30.82
CA PRO B 73 25.59 2.60 -29.65
C PRO B 73 26.37 2.59 -28.36
N VAL B 74 25.79 3.19 -27.32
CA VAL B 74 26.42 3.21 -26.00
C VAL B 74 26.41 1.86 -25.33
N GLY B 75 25.64 0.90 -25.85
CA GLY B 75 25.51 -0.39 -25.22
C GLY B 75 24.55 -0.36 -24.05
N ARG B 76 24.44 -1.50 -23.38
CA ARG B 76 23.57 -1.59 -22.21
C ARG B 76 24.16 -0.75 -21.07
N ILE B 77 23.31 0.04 -20.43
CA ILE B 77 23.70 0.89 -19.32
C ILE B 77 23.23 0.22 -18.04
N GLN B 78 24.17 -0.26 -17.24
CA GLN B 78 23.86 -0.93 -15.98
C GLN B 78 24.09 0.05 -14.84
N MET B 79 23.04 0.36 -14.09
CA MET B 79 23.11 1.25 -12.95
C MET B 79 22.61 0.53 -11.71
N ARG B 80 23.27 0.77 -10.59
CA ARG B 80 23.00 0.08 -9.34
C ARG B 80 22.68 1.10 -8.26
N THR B 81 21.75 0.74 -7.38
CA THR B 81 21.39 1.58 -6.24
C THR B 81 22.50 1.55 -5.21
N ARG B 82 23.11 2.70 -4.98
CA ARG B 82 24.18 2.84 -3.99
C ARG B 82 23.64 3.29 -2.64
N ARG B 83 22.63 4.16 -2.61
CA ARG B 83 22.03 4.63 -1.38
C ARG B 83 20.51 4.58 -1.50
N THR B 84 19.85 4.47 -0.35
CA THR B 84 18.40 4.58 -0.26
C THR B 84 18.10 5.46 0.94
N LEU B 85 17.47 6.61 0.68
CA LEU B 85 17.22 7.61 1.71
C LEU B 85 15.81 7.44 2.24
N ARG B 86 15.70 7.04 3.50
CA ARG B 86 14.42 6.85 4.17
C ARG B 86 14.22 7.92 5.22
N GLY B 87 12.96 8.21 5.53
CA GLY B 87 12.65 9.23 6.50
C GLY B 87 11.40 10.02 6.18
N HIS B 88 10.98 10.01 4.93
CA HIS B 88 9.75 10.69 4.52
C HIS B 88 8.54 9.82 4.81
N LEU B 89 7.46 10.44 5.27
CA LEU B 89 6.25 9.71 5.63
C LEU B 89 5.38 9.46 4.40
N ALA B 90 4.94 10.53 3.75
CA ALA B 90 4.08 10.42 2.59
C ALA B 90 4.93 10.45 1.33
N LYS B 91 4.28 10.53 0.17
CA LYS B 91 5.00 10.44 -1.09
C LYS B 91 5.93 11.62 -1.30
N ILE B 92 7.11 11.35 -1.81
CA ILE B 92 8.06 12.38 -2.22
C ILE B 92 7.61 12.91 -3.57
N TYR B 93 7.46 14.23 -3.68
CA TYR B 93 6.93 14.74 -4.93
C TYR B 93 7.94 15.58 -5.70
N ALA B 94 8.93 16.15 -5.01
CA ALA B 94 9.99 16.93 -5.67
C ALA B 94 11.30 16.67 -4.96
N MET B 95 12.37 17.20 -5.54
CA MET B 95 13.74 16.91 -5.14
C MET B 95 14.67 17.81 -5.95
N HIS B 96 15.82 18.13 -5.37
CA HIS B 96 16.78 18.97 -6.07
C HIS B 96 18.17 18.77 -5.49
N TRP B 97 19.16 18.57 -6.35
CA TRP B 97 20.54 18.45 -5.93
C TRP B 97 21.12 19.83 -5.62
N GLY B 98 22.09 19.84 -4.70
CA GLY B 98 22.89 21.03 -4.49
C GLY B 98 23.99 21.16 -5.51
N THR B 99 24.58 22.36 -5.54
CA THR B 99 25.67 22.63 -6.47
C THR B 99 26.92 21.83 -6.14
N ASP B 100 27.10 21.43 -4.89
CA ASP B 100 28.27 20.65 -4.51
C ASP B 100 28.09 19.16 -4.80
N SER B 101 26.94 18.75 -5.33
CA SER B 101 26.65 17.38 -5.73
C SER B 101 26.69 16.40 -4.57
N ARG B 102 26.60 16.91 -3.35
CA ARG B 102 26.62 16.09 -2.14
C ARG B 102 25.33 16.23 -1.34
N LEU B 103 24.87 17.46 -1.12
CA LEU B 103 23.63 17.70 -0.41
C LEU B 103 22.47 17.81 -1.38
N LEU B 104 21.30 17.34 -0.95
CA LEU B 104 20.11 17.42 -1.78
C LEU B 104 18.90 17.62 -0.88
N VAL B 105 17.95 18.41 -1.35
CA VAL B 105 16.70 18.65 -0.64
C VAL B 105 15.60 17.84 -1.32
N SER B 106 14.59 17.45 -0.54
CA SER B 106 13.46 16.72 -1.06
C SER B 106 12.21 17.11 -0.28
N ALA B 107 11.08 17.18 -1.00
CA ALA B 107 9.80 17.57 -0.41
C ALA B 107 8.84 16.40 -0.41
N SER B 108 8.17 16.21 0.71
CA SER B 108 7.17 15.17 0.85
C SER B 108 5.81 15.78 1.15
N GLN B 109 4.77 15.07 0.74
CA GLN B 109 3.41 15.58 0.89
C GLN B 109 2.90 15.51 2.32
N ASP B 110 3.66 14.92 3.24
CA ASP B 110 3.31 15.01 4.65
C ASP B 110 3.70 16.34 5.28
N GLY B 111 4.40 17.20 4.53
CA GLY B 111 4.77 18.51 5.00
C GLY B 111 6.20 18.66 5.44
N LYS B 112 7.12 17.88 4.86
CA LYS B 112 8.52 17.90 5.26
C LYS B 112 9.41 18.28 4.09
N LEU B 113 10.44 19.05 4.39
CA LEU B 113 11.49 19.44 3.46
C LEU B 113 12.79 18.95 4.08
N ILE B 114 13.32 17.82 3.63
CA ILE B 114 14.48 17.20 4.24
C ILE B 114 15.70 17.46 3.38
N ILE B 115 16.77 17.91 4.02
CA ILE B 115 18.07 18.11 3.38
C ILE B 115 18.98 16.99 3.87
N TRP B 116 19.46 16.18 2.92
CA TRP B 116 20.25 14.99 3.20
C TRP B 116 21.73 15.24 2.94
N ASP B 117 22.54 14.24 3.31
CA ASP B 117 23.91 14.09 2.86
C ASP B 117 23.98 12.77 2.11
N SER B 118 24.04 12.84 0.78
CA SER B 118 23.97 11.62 -0.02
C SER B 118 25.17 10.72 0.22
N TYR B 119 26.34 11.28 0.53
CA TYR B 119 27.53 10.47 0.76
C TYR B 119 27.37 9.59 1.99
N THR B 120 26.83 10.12 3.08
CA THR B 120 26.77 9.42 4.35
C THR B 120 25.37 9.04 4.78
N THR B 121 24.34 9.38 4.00
CA THR B 121 22.93 9.10 4.26
C THR B 121 22.39 9.87 5.47
N ASN B 122 23.22 10.67 6.13
CA ASN B 122 22.76 11.45 7.27
C ASN B 122 21.81 12.56 6.83
N LYS B 123 20.89 12.91 7.71
CA LYS B 123 19.94 14.00 7.47
C LYS B 123 20.52 15.28 8.04
N VAL B 124 20.67 16.30 7.19
CA VAL B 124 21.19 17.58 7.64
C VAL B 124 20.10 18.48 8.19
N HIS B 125 18.95 18.54 7.53
CA HIS B 125 17.85 19.39 7.98
C HIS B 125 16.52 18.68 7.77
N ALA B 126 15.53 19.06 8.57
CA ALA B 126 14.20 18.45 8.54
C ALA B 126 13.13 19.53 8.62
N ILE B 127 13.20 20.53 7.74
CA ILE B 127 12.34 21.72 7.84
C ILE B 127 10.87 21.31 7.79
N PRO B 128 10.04 21.73 8.75
CA PRO B 128 8.60 21.49 8.65
C PRO B 128 7.88 22.62 7.95
N LEU B 129 6.97 22.26 7.05
CA LEU B 129 6.30 23.22 6.19
C LEU B 129 4.94 23.62 6.77
N ARG B 130 4.58 24.88 6.55
CA ARG B 130 3.27 25.37 7.00
C ARG B 130 2.14 24.67 6.26
N SER B 131 2.31 24.46 4.95
CA SER B 131 1.31 23.79 4.13
C SER B 131 1.84 22.43 3.70
N SER B 132 1.01 21.41 3.88
CA SER B 132 1.44 20.04 3.58
C SER B 132 1.51 19.74 2.10
N TRP B 133 0.75 20.46 1.28
CA TRP B 133 0.59 20.11 -0.14
C TRP B 133 1.67 20.77 -1.00
N VAL B 134 2.91 20.44 -0.69
CA VAL B 134 4.05 20.96 -1.42
C VAL B 134 4.22 20.17 -2.72
N MET B 135 4.60 20.86 -3.78
CA MET B 135 4.77 20.27 -5.09
C MET B 135 6.08 20.60 -5.76
N THR B 136 7.00 21.30 -5.09
CA THR B 136 8.24 21.69 -5.77
C THR B 136 9.33 22.00 -4.74
N CYS B 137 10.57 21.70 -5.14
CA CYS B 137 11.78 22.04 -4.41
C CYS B 137 12.70 22.88 -5.27
N ALA B 138 13.40 23.82 -4.63
CA ALA B 138 14.56 24.46 -5.24
C ALA B 138 15.64 24.55 -4.18
N TYR B 139 16.89 24.53 -4.62
CA TYR B 139 18.02 24.70 -3.71
C TYR B 139 18.87 25.82 -4.30
N ALA B 140 19.18 26.81 -3.50
CA ALA B 140 19.91 27.96 -4.02
C ALA B 140 21.30 27.53 -4.47
N PRO B 141 21.78 28.02 -5.62
CA PRO B 141 23.12 27.63 -6.09
C PRO B 141 24.23 27.95 -5.08
N SER B 142 24.09 29.03 -4.32
CA SER B 142 25.04 29.31 -3.26
C SER B 142 24.90 28.35 -2.09
N GLY B 143 23.73 27.72 -1.93
CA GLY B 143 23.49 26.79 -0.86
C GLY B 143 22.91 27.38 0.40
N ASN B 144 22.67 28.69 0.44
CA ASN B 144 22.20 29.33 1.65
C ASN B 144 20.69 29.23 1.83
N TYR B 145 19.93 29.08 0.75
CA TYR B 145 18.48 29.10 0.82
C TYR B 145 17.90 27.86 0.16
N VAL B 146 16.68 27.53 0.56
CA VAL B 146 15.90 26.47 -0.05
C VAL B 146 14.49 26.98 -0.26
N ALA B 147 13.90 26.65 -1.42
CA ALA B 147 12.56 27.11 -1.75
C ALA B 147 11.59 25.95 -1.78
N CYS B 148 10.33 26.25 -1.53
CA CYS B 148 9.26 25.27 -1.69
C CYS B 148 7.98 26.01 -2.05
N GLY B 149 6.96 25.24 -2.43
CA GLY B 149 5.68 25.83 -2.79
C GLY B 149 4.78 24.72 -3.27
N GLY B 150 3.50 25.05 -3.40
CA GLY B 150 2.53 24.02 -3.75
C GLY B 150 1.12 24.52 -3.93
N LEU B 151 0.15 23.82 -3.33
CA LEU B 151 -1.26 24.17 -3.52
C LEU B 151 -1.67 25.41 -2.75
N ASP B 152 -0.83 25.94 -1.87
CA ASP B 152 -1.13 27.16 -1.15
C ASP B 152 -0.84 28.41 -1.97
N ASN B 153 -0.28 28.26 -3.18
CA ASN B 153 0.04 29.34 -4.11
C ASN B 153 1.12 30.27 -3.59
N ILE B 154 1.93 29.81 -2.64
CA ILE B 154 2.95 30.63 -2.00
C ILE B 154 4.31 29.98 -2.25
N CYS B 155 5.31 30.80 -2.59
CA CYS B 155 6.69 30.32 -2.69
C CYS B 155 7.43 30.71 -1.42
N SER B 156 7.74 29.72 -0.59
CA SER B 156 8.41 29.96 0.68
C SER B 156 9.91 29.77 0.53
N ILE B 157 10.67 30.78 0.95
CA ILE B 157 12.13 30.79 0.90
C ILE B 157 12.63 30.67 2.33
N TYR B 158 13.45 29.65 2.58
CA TYR B 158 13.99 29.34 3.90
C TYR B 158 15.48 29.59 3.92
N ASN B 159 15.94 30.35 4.90
CA ASN B 159 17.36 30.55 5.15
C ASN B 159 17.94 29.32 5.83
N LEU B 160 19.08 28.83 5.32
CA LEU B 160 19.71 27.65 5.87
C LEU B 160 20.96 27.95 6.68
N LYS B 161 21.47 29.18 6.62
CA LYS B 161 22.71 29.48 7.33
C LYS B 161 22.48 29.62 8.83
N THR B 162 21.30 30.07 9.23
CA THR B 162 20.86 30.07 10.63
C THR B 162 21.84 30.83 11.52
N ARG B 163 21.88 32.14 11.28
CA ARG B 163 22.70 33.02 12.12
C ARG B 163 22.32 32.90 13.58
N GLU B 164 21.04 32.64 13.87
CA GLU B 164 20.58 32.35 15.22
C GLU B 164 20.61 30.86 15.55
N GLY B 165 20.89 30.00 14.57
CA GLY B 165 20.99 28.58 14.81
C GLY B 165 19.79 27.76 14.39
N ASN B 166 18.76 28.37 13.80
CA ASN B 166 17.57 27.65 13.37
C ASN B 166 17.16 28.10 11.97
N VAL B 167 16.60 27.16 11.20
CA VAL B 167 16.08 27.47 9.88
C VAL B 167 14.73 28.14 10.02
N ARG B 168 14.56 29.28 9.36
CA ARG B 168 13.34 30.07 9.45
C ARG B 168 12.91 30.51 8.06
N VAL B 169 11.63 30.81 7.93
CA VAL B 169 11.07 31.26 6.65
C VAL B 169 11.66 32.64 6.37
N SER B 170 12.56 32.73 5.39
CA SER B 170 13.13 34.02 5.04
C SER B 170 12.13 34.89 4.30
N ARG B 171 11.30 34.29 3.45
CA ARG B 171 10.36 35.07 2.65
C ARG B 171 9.20 34.19 2.23
N GLU B 172 8.09 34.84 1.88
CA GLU B 172 6.90 34.16 1.36
C GLU B 172 6.36 34.97 0.18
N LEU B 173 6.75 34.56 -1.03
CA LEU B 173 6.33 35.24 -2.24
C LEU B 173 4.89 34.85 -2.58
N ALA B 174 4.03 35.86 -2.72
CA ALA B 174 2.61 35.68 -2.99
C ALA B 174 2.20 36.52 -4.20
N GLY B 175 1.19 36.05 -4.91
CA GLY B 175 0.74 36.73 -6.11
C GLY B 175 0.25 35.79 -7.19
N HIS B 176 0.63 34.52 -7.09
CA HIS B 176 0.11 33.51 -7.99
C HIS B 176 -1.30 33.12 -7.57
N THR B 177 -2.14 32.79 -8.56
CA THR B 177 -3.52 32.41 -8.30
C THR B 177 -3.84 30.98 -8.71
N GLY B 178 -2.83 30.15 -8.95
CA GLY B 178 -3.05 28.78 -9.35
C GLY B 178 -2.58 27.79 -8.32
N TYR B 179 -1.39 27.24 -8.54
CA TYR B 179 -0.66 26.46 -7.56
C TYR B 179 0.78 26.40 -8.06
N LEU B 180 1.73 26.40 -7.13
CA LEU B 180 3.13 26.37 -7.52
C LEU B 180 3.51 24.96 -7.97
N SER B 181 3.93 24.84 -9.23
CA SER B 181 4.36 23.55 -9.77
C SER B 181 5.88 23.42 -9.90
N CYS B 182 6.59 24.53 -10.07
CA CYS B 182 8.04 24.48 -10.17
C CYS B 182 8.60 25.84 -9.77
N CYS B 183 9.84 25.82 -9.27
CA CYS B 183 10.54 27.04 -8.89
C CYS B 183 12.04 26.75 -8.93
N ARG B 184 12.80 27.70 -9.48
CA ARG B 184 14.25 27.55 -9.61
C ARG B 184 14.90 28.89 -9.31
N PHE B 185 15.95 28.86 -8.48
CA PHE B 185 16.66 30.08 -8.14
C PHE B 185 17.52 30.53 -9.30
N LEU B 186 17.39 31.80 -9.68
CA LEU B 186 18.40 32.40 -10.55
C LEU B 186 19.67 32.72 -9.78
N ASP B 187 19.51 33.22 -8.57
CA ASP B 187 20.61 33.49 -7.64
C ASP B 187 20.01 33.63 -6.25
N ASP B 188 20.80 34.15 -5.31
CA ASP B 188 20.29 34.36 -3.96
C ASP B 188 19.12 35.32 -3.93
N ASN B 189 19.07 36.27 -4.87
CA ASN B 189 18.09 37.35 -4.83
C ASN B 189 16.96 37.20 -5.81
N GLN B 190 17.00 36.22 -6.71
CA GLN B 190 15.97 36.08 -7.74
C GLN B 190 15.57 34.62 -7.86
N ILE B 191 14.30 34.41 -8.19
CA ILE B 191 13.75 33.07 -8.38
C ILE B 191 12.65 33.15 -9.43
N VAL B 192 12.59 32.16 -10.31
CA VAL B 192 11.54 32.05 -11.31
C VAL B 192 10.64 30.89 -10.93
N THR B 193 9.33 31.12 -10.95
CA THR B 193 8.35 30.17 -10.48
C THR B 193 7.32 29.89 -11.56
N SER B 194 6.80 28.68 -11.54
CA SER B 194 5.77 28.19 -12.45
C SER B 194 4.48 27.95 -11.69
N SER B 195 3.36 28.42 -12.23
CA SER B 195 2.11 28.27 -11.51
C SER B 195 1.04 27.62 -12.37
N GLY B 196 0.04 27.06 -11.70
CA GLY B 196 -1.15 26.54 -12.30
C GLY B 196 -2.16 27.59 -12.73
N ASP B 197 -1.89 28.86 -12.47
CA ASP B 197 -2.70 29.94 -13.01
C ASP B 197 -2.29 30.31 -14.43
N THR B 198 -1.56 29.41 -15.10
CA THR B 198 -1.15 29.56 -16.51
C THR B 198 -0.18 30.74 -16.65
N THR B 199 0.85 30.75 -15.81
CA THR B 199 1.76 31.89 -15.76
C THR B 199 3.05 31.50 -15.07
N CYS B 200 4.17 32.05 -15.56
CA CYS B 200 5.44 32.01 -14.85
C CYS B 200 5.76 33.41 -14.33
N ALA B 201 6.63 33.48 -13.33
CA ALA B 201 6.90 34.77 -12.72
C ALA B 201 8.32 34.80 -12.16
N LEU B 202 9.04 35.88 -12.45
CA LEU B 202 10.37 36.11 -11.88
C LEU B 202 10.24 37.14 -10.77
N TRP B 203 10.76 36.79 -9.59
CA TRP B 203 10.57 37.51 -8.35
C TRP B 203 11.84 38.24 -7.93
N ASP B 204 11.76 38.85 -6.75
CA ASP B 204 12.90 39.47 -6.08
C ASP B 204 12.70 39.22 -4.59
N ILE B 205 13.47 38.29 -4.03
CA ILE B 205 13.28 37.90 -2.64
C ILE B 205 13.51 39.07 -1.70
N GLU B 206 14.42 39.98 -2.05
CA GLU B 206 14.68 41.14 -1.19
C GLU B 206 13.42 41.97 -0.98
N THR B 207 12.67 42.23 -2.06
CA THR B 207 11.47 43.04 -1.97
C THR B 207 10.19 42.20 -1.96
N GLY B 208 10.25 40.92 -2.32
CA GLY B 208 9.09 40.08 -2.33
C GLY B 208 8.02 40.48 -3.33
N GLN B 209 8.43 40.98 -4.49
CA GLN B 209 7.51 41.44 -5.52
C GLN B 209 7.82 40.76 -6.83
N GLN B 210 6.80 40.57 -7.66
CA GLN B 210 6.99 39.99 -8.98
C GLN B 210 7.72 40.99 -9.87
N THR B 211 9.01 40.74 -10.09
CA THR B 211 9.78 41.61 -10.97
C THR B 211 9.23 41.56 -12.39
N THR B 212 8.87 40.38 -12.87
CA THR B 212 8.25 40.26 -14.19
C THR B 212 7.36 39.04 -14.24
N THR B 213 6.43 39.05 -15.19
CA THR B 213 5.42 38.02 -15.33
C THR B 213 5.37 37.54 -16.77
N PHE B 214 5.46 36.23 -16.98
CA PHE B 214 5.47 35.61 -18.30
C PHE B 214 4.14 34.92 -18.53
N THR B 215 3.41 35.40 -19.53
CA THR B 215 2.09 34.88 -19.90
C THR B 215 2.11 34.50 -21.38
N GLY B 216 1.17 33.64 -21.76
CA GLY B 216 1.08 33.19 -23.12
C GLY B 216 0.65 31.75 -23.26
N HIS B 217 0.84 30.97 -22.19
CA HIS B 217 0.37 29.59 -22.17
C HIS B 217 -1.15 29.54 -22.09
N THR B 218 -1.69 28.35 -22.31
CA THR B 218 -3.14 28.14 -22.23
C THR B 218 -3.53 27.24 -21.06
N GLY B 219 -2.84 26.12 -20.88
CA GLY B 219 -3.08 25.24 -19.75
C GLY B 219 -2.13 25.52 -18.59
N ASP B 220 -2.22 24.67 -17.58
CA ASP B 220 -1.33 24.78 -16.42
C ASP B 220 0.11 24.63 -16.87
N VAL B 221 1.00 25.43 -16.31
CA VAL B 221 2.42 25.29 -16.57
C VAL B 221 2.98 24.34 -15.51
N MET B 222 3.56 23.22 -15.96
CA MET B 222 3.89 22.13 -15.06
C MET B 222 5.37 22.05 -14.68
N SER B 223 6.26 22.62 -15.49
CA SER B 223 7.68 22.53 -15.20
C SER B 223 8.41 23.66 -15.89
N LEU B 224 9.57 24.02 -15.35
CA LEU B 224 10.45 24.99 -15.98
C LEU B 224 11.89 24.53 -15.79
N SER B 225 12.73 24.88 -16.76
CA SER B 225 14.15 24.57 -16.71
C SER B 225 14.94 25.80 -17.09
N LEU B 226 15.97 26.12 -16.32
CA LEU B 226 16.79 27.30 -16.56
C LEU B 226 17.96 26.93 -17.46
N ALA B 227 18.27 27.83 -18.40
CA ALA B 227 19.42 27.65 -19.25
C ALA B 227 20.71 27.78 -18.43
N PRO B 228 21.80 27.16 -18.88
CA PRO B 228 23.05 27.26 -18.10
C PRO B 228 23.52 28.69 -17.86
N ASP B 229 23.31 29.59 -18.81
CA ASP B 229 23.69 30.98 -18.62
C ASP B 229 22.68 31.78 -17.81
N THR B 230 21.54 31.19 -17.46
CA THR B 230 20.47 31.85 -16.71
C THR B 230 19.99 33.11 -17.43
N ARG B 231 19.94 33.05 -18.76
CA ARG B 231 19.39 34.13 -19.57
C ARG B 231 18.06 33.77 -20.23
N LEU B 232 17.78 32.48 -20.39
CA LEU B 232 16.52 32.01 -20.94
C LEU B 232 16.02 30.85 -20.09
N PHE B 233 14.73 30.57 -20.19
CA PHE B 233 14.20 29.37 -19.57
C PHE B 233 13.01 28.86 -20.37
N VAL B 234 12.83 27.54 -20.37
CA VAL B 234 11.73 26.90 -21.07
C VAL B 234 10.71 26.41 -20.06
N SER B 235 9.46 26.41 -20.48
CA SER B 235 8.35 25.94 -19.66
C SER B 235 7.45 25.05 -20.50
N GLY B 236 7.04 23.93 -19.92
CA GLY B 236 6.07 23.03 -20.54
C GLY B 236 4.74 23.18 -19.82
N ALA B 237 3.66 23.17 -20.59
CA ALA B 237 2.35 23.47 -20.04
C ALA B 237 1.37 22.34 -20.37
N CYS B 238 0.13 22.50 -19.89
CA CYS B 238 -0.92 21.53 -20.13
C CYS B 238 -1.61 21.71 -21.47
N ASP B 239 -1.22 22.70 -22.27
CA ASP B 239 -1.72 22.87 -23.63
C ASP B 239 -0.90 22.08 -24.65
N ALA B 240 -0.02 21.19 -24.18
CA ALA B 240 0.84 20.38 -25.04
C ALA B 240 1.81 21.23 -25.85
N SER B 241 2.32 22.30 -25.24
CA SER B 241 3.28 23.16 -25.90
C SER B 241 4.37 23.56 -24.93
N ALA B 242 5.60 23.62 -25.43
CA ALA B 242 6.72 24.18 -24.70
C ALA B 242 6.97 25.60 -25.18
N LYS B 243 7.59 26.40 -24.32
CA LYS B 243 7.69 27.83 -24.60
C LYS B 243 8.98 28.37 -23.99
N LEU B 244 9.72 29.15 -24.79
CA LEU B 244 11.02 29.68 -24.40
C LEU B 244 10.90 31.16 -24.08
N TRP B 245 11.43 31.57 -22.92
CA TRP B 245 11.32 32.94 -22.44
C TRP B 245 12.71 33.53 -22.21
N ASP B 246 12.83 34.82 -22.49
CA ASP B 246 14.01 35.59 -22.11
C ASP B 246 13.73 36.26 -20.78
N VAL B 247 14.60 36.04 -19.80
CA VAL B 247 14.31 36.41 -18.42
C VAL B 247 14.26 37.92 -18.25
N ARG B 248 15.27 38.62 -18.76
CA ARG B 248 15.48 40.01 -18.35
C ARG B 248 14.47 40.97 -19.00
N GLU B 249 13.93 40.63 -20.17
CA GLU B 249 12.95 41.52 -20.79
C GLU B 249 11.52 41.00 -20.66
N GLY B 250 11.31 39.68 -20.69
CA GLY B 250 10.05 39.12 -20.27
C GLY B 250 8.97 38.89 -21.30
N MET B 251 9.31 38.24 -22.41
CA MET B 251 8.29 37.85 -23.38
C MET B 251 8.73 36.58 -24.10
N CYS B 252 7.75 35.89 -24.66
CA CYS B 252 8.01 34.62 -25.33
C CYS B 252 8.85 34.80 -26.59
N ARG B 253 9.82 33.92 -26.77
CA ARG B 253 10.66 33.92 -27.96
C ARG B 253 10.24 32.85 -28.98
N GLN B 254 10.08 31.61 -28.53
CA GLN B 254 9.70 30.52 -29.42
C GLN B 254 8.68 29.63 -28.73
N THR B 255 7.83 28.99 -29.53
CA THR B 255 6.84 28.04 -29.06
C THR B 255 7.02 26.74 -29.83
N PHE B 256 7.07 25.63 -29.12
CA PHE B 256 7.31 24.31 -29.71
C PHE B 256 6.07 23.45 -29.45
N THR B 257 5.50 22.90 -30.52
CA THR B 257 4.26 22.13 -30.46
C THR B 257 4.46 20.82 -31.22
N GLY B 258 4.93 19.80 -30.51
CA GLY B 258 5.06 18.48 -31.10
C GLY B 258 4.34 17.41 -30.32
N HIS B 259 4.10 17.67 -29.04
CA HIS B 259 3.41 16.72 -28.18
C HIS B 259 1.90 16.81 -28.39
N GLU B 260 1.21 15.73 -28.08
CA GLU B 260 -0.23 15.68 -28.23
C GLU B 260 -0.99 15.66 -26.90
N SER B 261 -0.31 15.51 -25.78
CA SER B 261 -0.91 15.60 -24.46
C SER B 261 -0.06 16.54 -23.61
N ASP B 262 -0.52 16.79 -22.39
CA ASP B 262 0.09 17.80 -21.54
C ASP B 262 1.50 17.41 -21.12
N ILE B 263 2.37 18.41 -21.02
CA ILE B 263 3.79 18.21 -20.73
C ILE B 263 3.99 18.21 -19.22
N ASN B 264 4.67 17.18 -18.71
CA ASN B 264 4.89 17.04 -17.27
C ASN B 264 6.29 17.44 -16.83
N ALA B 265 7.27 17.36 -17.73
CA ALA B 265 8.65 17.60 -17.35
C ALA B 265 9.40 18.19 -18.54
N ILE B 266 10.45 18.95 -18.24
CA ILE B 266 11.25 19.61 -19.27
C ILE B 266 12.63 19.87 -18.69
N CYS B 267 13.64 19.80 -19.55
CA CYS B 267 15.02 19.94 -19.12
C CYS B 267 15.86 20.41 -20.29
N PHE B 268 16.84 21.27 -20.02
CA PHE B 268 17.75 21.74 -21.05
C PHE B 268 18.89 20.75 -21.29
N PHE B 269 19.33 20.71 -22.55
CA PHE B 269 20.57 20.04 -22.88
C PHE B 269 21.74 20.80 -22.26
N PRO B 270 22.84 20.11 -21.93
CA PRO B 270 23.95 20.78 -21.24
C PRO B 270 24.48 22.03 -21.91
N ASN B 271 24.54 22.09 -23.24
CA ASN B 271 25.10 23.26 -23.89
C ASN B 271 24.07 24.36 -24.14
N GLY B 272 22.80 24.13 -23.79
CA GLY B 272 21.79 25.16 -23.86
C GLY B 272 21.18 25.39 -25.23
N ASN B 273 21.53 24.60 -26.23
CA ASN B 273 21.00 24.76 -27.57
C ASN B 273 19.84 23.81 -27.86
N ALA B 274 19.43 23.01 -26.89
CA ALA B 274 18.34 22.05 -27.08
C ALA B 274 17.74 21.73 -25.73
N PHE B 275 16.56 21.12 -25.75
CA PHE B 275 15.91 20.72 -24.52
C PHE B 275 14.99 19.54 -24.78
N ALA B 276 14.84 18.68 -23.77
CA ALA B 276 13.97 17.52 -23.85
C ALA B 276 12.74 17.73 -22.96
N THR B 277 11.67 17.04 -23.32
CA THR B 277 10.41 17.18 -22.59
C THR B 277 9.58 15.92 -22.69
N GLY B 278 8.93 15.55 -21.58
CA GLY B 278 8.08 14.38 -21.53
C GLY B 278 6.65 14.76 -21.23
N SER B 279 5.72 13.92 -21.69
CA SER B 279 4.29 14.23 -21.56
C SER B 279 3.52 12.96 -21.24
N ASP B 280 2.20 13.09 -21.17
CA ASP B 280 1.32 11.97 -20.86
C ASP B 280 1.03 11.08 -22.05
N ASP B 281 1.45 11.46 -23.26
CA ASP B 281 1.30 10.61 -24.42
C ASP B 281 2.40 9.56 -24.52
N ALA B 282 3.15 9.34 -23.44
CA ALA B 282 4.15 8.28 -23.33
C ALA B 282 5.34 8.48 -24.27
N THR B 283 5.68 9.73 -24.57
CA THR B 283 6.80 10.04 -25.46
C THR B 283 7.65 11.14 -24.85
N CYS B 284 8.96 11.01 -25.01
CA CYS B 284 9.88 12.13 -24.80
C CYS B 284 10.22 12.72 -26.15
N ARG B 285 10.53 14.02 -26.17
CA ARG B 285 10.93 14.66 -27.41
C ARG B 285 12.08 15.62 -27.14
N LEU B 286 12.88 15.83 -28.18
CA LEU B 286 14.01 16.74 -28.15
C LEU B 286 13.75 17.87 -29.14
N PHE B 287 13.93 19.11 -28.68
CA PHE B 287 13.74 20.29 -29.50
C PHE B 287 15.02 21.10 -29.54
N ASP B 288 15.33 21.66 -30.71
CA ASP B 288 16.48 22.53 -30.89
C ASP B 288 16.02 23.96 -31.07
N LEU B 289 16.56 24.86 -30.24
CA LEU B 289 16.12 26.25 -30.28
C LEU B 289 16.46 26.92 -31.61
N ARG B 290 17.68 26.70 -32.11
CA ARG B 290 18.09 27.37 -33.35
C ARG B 290 17.32 26.85 -34.55
N ALA B 291 17.16 25.53 -34.66
CA ALA B 291 16.31 24.98 -35.71
C ALA B 291 14.84 25.23 -35.44
N ASP B 292 14.47 25.44 -34.17
CA ASP B 292 13.11 25.77 -33.76
C ASP B 292 12.13 24.68 -34.25
N GLN B 293 12.51 23.43 -34.02
CA GLN B 293 11.70 22.31 -34.49
C GLN B 293 12.11 21.06 -33.73
N GLU B 294 11.15 20.15 -33.56
CA GLU B 294 11.43 18.87 -32.91
C GLU B 294 12.42 18.06 -33.72
N LEU B 295 13.39 17.46 -33.03
CA LEU B 295 14.44 16.69 -33.68
C LEU B 295 14.26 15.19 -33.55
N MET B 296 13.94 14.70 -32.35
CA MET B 296 13.88 13.27 -32.11
C MET B 296 12.82 12.94 -31.08
N THR B 297 12.20 11.78 -31.26
CA THR B 297 11.16 11.26 -30.37
C THR B 297 11.64 9.96 -29.75
N TYR B 298 11.57 9.87 -28.42
CA TYR B 298 11.95 8.70 -27.67
C TYR B 298 10.67 8.04 -27.16
N SER B 299 10.32 6.91 -27.76
CA SER B 299 9.09 6.20 -27.43
C SER B 299 9.26 4.71 -27.72
N HIS B 300 8.42 3.91 -27.08
CA HIS B 300 8.39 2.48 -27.29
C HIS B 300 6.95 2.02 -27.38
N ASP B 301 6.74 0.90 -28.06
CA ASP B 301 5.38 0.39 -28.24
C ASP B 301 4.81 -0.20 -26.97
N ASN B 302 5.65 -0.67 -26.05
CA ASN B 302 5.19 -1.30 -24.83
C ASN B 302 5.05 -0.34 -23.66
N ILE B 303 5.38 0.95 -23.86
CA ILE B 303 5.17 1.97 -22.84
C ILE B 303 3.94 2.78 -23.22
N ILE B 304 2.92 2.74 -22.37
CA ILE B 304 1.68 3.48 -22.56
C ILE B 304 1.40 4.42 -21.40
N CYS B 305 2.38 4.63 -20.54
CA CYS B 305 2.25 5.47 -19.35
C CYS B 305 2.92 6.82 -19.60
N GLY B 306 2.48 7.82 -18.84
CA GLY B 306 3.04 9.14 -18.95
C GLY B 306 4.45 9.21 -18.40
N ILE B 307 5.11 10.32 -18.73
CA ILE B 307 6.48 10.58 -18.30
C ILE B 307 6.43 11.72 -17.31
N THR B 308 6.95 11.48 -16.10
CA THR B 308 6.81 12.43 -15.01
C THR B 308 8.04 13.29 -14.80
N SER B 309 9.23 12.77 -15.06
CA SER B 309 10.46 13.51 -14.85
C SER B 309 11.43 13.21 -15.99
N VAL B 310 12.25 14.21 -16.30
CA VAL B 310 13.22 14.14 -17.39
C VAL B 310 14.51 14.81 -16.94
N SER B 311 15.65 14.18 -17.26
CA SER B 311 16.94 14.79 -16.98
C SER B 311 17.95 14.30 -18.00
N PHE B 312 19.02 15.06 -18.14
CA PHE B 312 20.10 14.75 -19.06
C PHE B 312 21.35 14.36 -18.28
N SER B 313 22.17 13.51 -18.87
CA SER B 313 23.45 13.18 -18.27
C SER B 313 24.41 14.37 -18.43
N LYS B 314 25.62 14.21 -17.90
CA LYS B 314 26.57 15.32 -17.92
C LYS B 314 26.95 15.73 -19.33
N SER B 315 27.17 14.75 -20.21
CA SER B 315 27.54 15.04 -21.59
C SER B 315 26.34 15.17 -22.51
N GLY B 316 25.14 14.89 -22.03
CA GLY B 316 23.95 14.91 -22.85
C GLY B 316 23.73 13.68 -23.70
N ARG B 317 24.61 12.68 -23.60
CA ARG B 317 24.42 11.47 -24.38
C ARG B 317 23.28 10.62 -23.83
N LEU B 318 23.08 10.63 -22.52
CA LEU B 318 22.02 9.85 -21.89
C LEU B 318 20.88 10.77 -21.47
N LEU B 319 19.66 10.34 -21.74
CA LEU B 319 18.45 11.02 -21.30
C LEU B 319 17.71 10.07 -20.37
N LEU B 320 17.67 10.41 -19.08
CA LEU B 320 16.99 9.60 -18.10
C LEU B 320 15.57 10.12 -17.90
N ALA B 321 14.59 9.23 -17.99
CA ALA B 321 13.19 9.62 -17.89
C ALA B 321 12.49 8.75 -16.87
N GLY B 322 11.83 9.40 -15.91
CA GLY B 322 11.02 8.69 -14.94
C GLY B 322 9.60 8.53 -15.45
N TYR B 323 9.07 7.32 -15.28
CA TYR B 323 7.74 6.98 -15.75
C TYR B 323 6.85 6.65 -14.55
N ASP B 324 5.54 6.75 -14.75
CA ASP B 324 4.61 6.40 -13.70
C ASP B 324 4.16 4.93 -13.79
N ASP B 325 4.88 4.11 -14.56
CA ASP B 325 4.79 2.66 -14.45
C ASP B 325 5.80 2.10 -13.47
N PHE B 326 6.20 2.92 -12.49
CA PHE B 326 6.97 2.60 -11.29
C PHE B 326 8.47 2.53 -11.52
N ASN B 327 8.97 2.73 -12.74
CA ASN B 327 10.41 2.64 -12.93
C ASN B 327 10.89 3.69 -13.93
N CYS B 328 12.17 4.03 -13.83
CA CYS B 328 12.84 4.94 -14.74
C CYS B 328 13.50 4.17 -15.87
N ASN B 329 13.82 4.87 -16.95
CA ASN B 329 14.62 4.24 -17.99
C ASN B 329 15.50 5.27 -18.69
N VAL B 330 16.59 4.77 -19.25
CA VAL B 330 17.67 5.58 -19.79
C VAL B 330 17.70 5.36 -21.30
N TRP B 331 17.39 6.43 -22.04
CA TRP B 331 17.56 6.48 -23.47
C TRP B 331 18.91 7.09 -23.80
N ASP B 332 19.34 6.92 -25.05
CA ASP B 332 20.45 7.71 -25.57
C ASP B 332 19.91 8.77 -26.51
N ALA B 333 20.36 10.01 -26.31
CA ALA B 333 19.77 11.16 -26.97
C ALA B 333 20.04 11.18 -28.47
N LEU B 334 20.98 10.38 -28.97
CA LEU B 334 21.34 10.41 -30.37
C LEU B 334 20.79 9.25 -31.19
N LYS B 335 20.48 8.12 -30.56
CA LYS B 335 20.01 6.95 -31.28
C LYS B 335 18.54 6.64 -31.03
N ALA B 336 17.93 7.22 -30.00
CA ALA B 336 16.51 7.02 -29.69
C ALA B 336 16.18 5.56 -29.45
N ASP B 337 17.09 4.84 -28.78
CA ASP B 337 16.81 3.50 -28.32
C ASP B 337 17.16 3.40 -26.85
N ARG B 338 16.33 2.68 -26.09
CA ARG B 338 16.57 2.54 -24.66
C ARG B 338 17.92 1.89 -24.41
N ALA B 339 18.70 2.50 -23.52
CA ALA B 339 20.00 1.96 -23.15
C ALA B 339 20.02 1.34 -21.76
N GLY B 340 19.01 1.58 -20.94
CA GLY B 340 18.99 0.95 -19.63
C GLY B 340 17.67 1.16 -18.94
N VAL B 341 17.52 0.53 -17.79
CA VAL B 341 16.33 0.62 -16.96
C VAL B 341 16.75 0.77 -15.50
N LEU B 342 16.10 1.69 -14.78
CA LEU B 342 16.30 1.90 -13.36
C LEU B 342 15.02 1.44 -12.67
N ALA B 343 15.01 0.18 -12.21
CA ALA B 343 13.81 -0.44 -11.65
C ALA B 343 14.09 -0.78 -10.18
N GLY B 344 13.69 0.12 -9.28
CA GLY B 344 13.83 -0.14 -7.86
C GLY B 344 12.71 0.44 -7.02
N HIS B 345 11.72 1.04 -7.66
CA HIS B 345 10.70 1.81 -6.97
C HIS B 345 9.38 1.06 -6.97
N ASP B 346 8.67 1.14 -5.85
CA ASP B 346 7.40 0.44 -5.66
C ASP B 346 6.19 1.28 -6.03
N ASN B 347 6.39 2.54 -6.38
CA ASN B 347 5.31 3.40 -6.86
C ASN B 347 5.89 4.27 -7.96
N ARG B 348 5.05 5.16 -8.50
CA ARG B 348 5.46 5.94 -9.67
C ARG B 348 6.62 6.89 -9.31
N VAL B 349 7.52 7.04 -10.27
CA VAL B 349 8.67 7.93 -10.10
C VAL B 349 8.21 9.36 -10.33
N SER B 350 8.33 10.20 -9.32
CA SER B 350 7.85 11.57 -9.39
C SER B 350 8.94 12.55 -9.78
N CYS B 351 10.17 12.33 -9.30
CA CYS B 351 11.25 13.28 -9.45
C CYS B 351 12.55 12.56 -9.76
N LEU B 352 13.45 13.28 -10.41
CA LEU B 352 14.66 12.68 -10.96
C LEU B 352 15.70 13.78 -11.14
N GLY B 353 16.93 13.53 -10.71
CA GLY B 353 17.95 14.56 -10.82
C GLY B 353 19.37 14.04 -10.88
N VAL B 354 20.14 14.54 -11.84
CA VAL B 354 21.55 14.19 -12.01
C VAL B 354 22.39 15.28 -11.35
N THR B 355 23.50 14.88 -10.73
CA THR B 355 24.37 15.82 -10.05
C THR B 355 25.08 16.71 -11.07
N ASP B 356 25.68 17.80 -10.56
CA ASP B 356 26.38 18.73 -11.41
C ASP B 356 27.66 18.13 -11.99
N ASP B 357 28.30 17.22 -11.27
CA ASP B 357 29.46 16.51 -11.79
C ASP B 357 29.09 15.21 -12.48
N GLY B 358 27.80 14.86 -12.54
CA GLY B 358 27.37 13.68 -13.25
C GLY B 358 27.70 12.37 -12.59
N MET B 359 27.93 12.36 -11.27
CA MET B 359 28.37 11.15 -10.61
C MET B 359 27.21 10.23 -10.25
N ALA B 360 26.06 10.79 -9.87
CA ALA B 360 24.96 9.99 -9.37
C ALA B 360 23.64 10.52 -9.92
N VAL B 361 22.62 9.66 -9.87
CA VAL B 361 21.26 10.03 -10.24
C VAL B 361 20.36 9.74 -9.05
N ALA B 362 19.62 10.74 -8.60
CA ALA B 362 18.65 10.56 -7.53
C ALA B 362 17.27 10.40 -8.14
N THR B 363 16.52 9.39 -7.67
CA THR B 363 15.14 9.19 -8.08
C THR B 363 14.25 9.19 -6.85
N GLY B 364 13.18 9.96 -6.91
CA GLY B 364 12.18 9.95 -5.87
C GLY B 364 10.92 9.28 -6.37
N SER B 365 10.06 8.85 -5.45
CA SER B 365 8.90 8.08 -5.87
C SER B 365 7.78 8.27 -4.86
N TRP B 366 6.57 7.92 -5.29
CA TRP B 366 5.39 8.01 -4.44
C TRP B 366 5.40 6.97 -3.33
N ASP B 367 6.33 6.01 -3.35
CA ASP B 367 6.50 5.08 -2.25
C ASP B 367 7.27 5.69 -1.09
N SER B 368 7.59 6.98 -1.16
CA SER B 368 8.22 7.76 -0.10
C SER B 368 9.70 7.43 0.07
N PHE B 369 10.35 6.90 -0.95
CA PHE B 369 11.75 6.53 -0.86
C PHE B 369 12.56 7.28 -1.90
N LEU B 370 13.78 7.63 -1.54
CA LEU B 370 14.72 8.31 -2.41
C LEU B 370 15.89 7.38 -2.65
N LYS B 371 16.27 7.20 -3.91
CA LYS B 371 17.32 6.26 -4.26
C LYS B 371 18.41 6.95 -5.06
N ILE B 372 19.66 6.63 -4.72
CA ILE B 372 20.82 7.12 -5.46
C ILE B 372 21.33 5.99 -6.32
N TRP B 373 21.60 6.27 -7.59
CA TRP B 373 22.01 5.27 -8.56
C TRP B 373 23.33 5.70 -9.19
N ASN B 374 24.21 4.72 -9.41
CA ASN B 374 25.50 4.99 -10.00
C ASN B 374 25.88 3.85 -10.93
N GLY B 375 26.76 4.15 -11.88
CA GLY B 375 27.24 3.13 -12.79
C GLY B 375 28.21 2.16 -12.12
N SER B 376 28.39 1.02 -12.76
CA SER B 376 29.25 -0.03 -12.22
C SER B 376 30.68 0.09 -12.75
N SER C 8 -11.52 36.82 -27.04
CA SER C 8 -11.96 38.15 -27.45
C SER C 8 -10.96 38.80 -28.40
N ILE C 9 -11.14 40.09 -28.66
CA ILE C 9 -10.26 40.78 -29.61
C ILE C 9 -8.86 40.92 -29.03
N ALA C 10 -8.74 41.17 -27.73
CA ALA C 10 -7.43 41.36 -27.12
C ALA C 10 -6.60 40.08 -27.15
N GLN C 11 -7.20 38.96 -26.77
CA GLN C 11 -6.49 37.69 -26.81
C GLN C 11 -6.10 37.33 -28.24
N ALA C 12 -7.00 37.54 -29.19
CA ALA C 12 -6.70 37.21 -30.58
C ALA C 12 -5.58 38.08 -31.13
N ARG C 13 -5.59 39.39 -30.83
CA ARG C 13 -4.52 40.25 -31.33
C ARG C 13 -3.20 39.95 -30.65
N LYS C 14 -3.22 39.57 -29.35
CA LYS C 14 -1.99 39.15 -28.70
C LYS C 14 -1.42 37.90 -29.35
N LEU C 15 -2.29 36.93 -29.66
CA LEU C 15 -1.84 35.73 -30.35
C LEU C 15 -1.28 36.06 -31.73
N VAL C 16 -1.93 36.97 -32.45
CA VAL C 16 -1.47 37.33 -33.79
C VAL C 16 -0.11 38.00 -33.73
N GLU C 17 0.09 38.94 -32.79
CA GLU C 17 1.39 39.60 -32.70
C GLU C 17 2.47 38.64 -32.22
N GLN C 18 2.13 37.69 -31.34
CA GLN C 18 3.10 36.68 -30.96
C GLN C 18 3.48 35.81 -32.15
N LEU C 19 2.51 35.44 -32.99
CA LEU C 19 2.80 34.66 -34.18
C LEU C 19 3.68 35.45 -35.14
N LYS C 20 3.41 36.75 -35.30
CA LYS C 20 4.25 37.59 -36.15
C LYS C 20 5.67 37.66 -35.61
N MET C 21 5.83 37.74 -34.29
CA MET C 21 7.15 37.65 -33.69
C MET C 21 7.81 36.32 -34.01
N GLU C 22 7.04 35.23 -33.94
CA GLU C 22 7.58 33.91 -34.26
C GLU C 22 8.07 33.86 -35.71
N ALA C 23 7.36 34.52 -36.62
CA ALA C 23 7.73 34.47 -38.03
C ALA C 23 9.09 35.13 -38.28
N ASN C 24 9.35 36.26 -37.64
CA ASN C 24 10.56 37.05 -37.90
C ASN C 24 11.70 36.60 -36.98
N ILE C 25 12.14 35.36 -37.19
CA ILE C 25 13.26 34.80 -36.45
C ILE C 25 14.23 34.17 -37.46
N ASP C 26 15.46 33.97 -37.01
CA ASP C 26 16.50 33.43 -37.88
C ASP C 26 16.25 31.95 -38.17
N ARG C 27 16.89 31.48 -39.23
CA ARG C 27 16.74 30.11 -39.72
C ARG C 27 18.08 29.40 -39.62
N ILE C 28 18.07 28.18 -39.08
CA ILE C 28 19.25 27.34 -38.98
C ILE C 28 18.89 25.94 -39.45
N LYS C 29 19.73 25.37 -40.30
CA LYS C 29 19.47 24.04 -40.83
C LYS C 29 19.53 23.00 -39.72
N VAL C 30 18.62 22.02 -39.79
CA VAL C 30 18.58 20.97 -38.77
C VAL C 30 19.84 20.12 -38.81
N SER C 31 20.48 20.02 -39.98
CA SER C 31 21.74 19.28 -40.06
C SER C 31 22.81 19.94 -39.20
N LYS C 32 22.88 21.27 -39.21
CA LYS C 32 23.83 21.98 -38.36
C LYS C 32 23.54 21.73 -36.89
N ALA C 33 22.27 21.76 -36.50
CA ALA C 33 21.92 21.49 -35.10
C ALA C 33 22.29 20.07 -34.70
N ALA C 34 22.01 19.10 -35.57
CA ALA C 34 22.36 17.71 -35.27
C ALA C 34 23.87 17.55 -35.14
N ALA C 35 24.63 18.20 -36.01
CA ALA C 35 26.08 18.15 -35.91
C ALA C 35 26.57 18.78 -34.62
N ASP C 36 25.95 19.88 -34.19
CA ASP C 36 26.33 20.51 -32.93
C ASP C 36 26.07 19.59 -31.74
N LEU C 37 24.89 18.95 -31.70
CA LEU C 37 24.60 18.02 -30.62
C LEU C 37 25.57 16.86 -30.61
N MET C 38 25.85 16.28 -31.78
CA MET C 38 26.80 15.17 -31.84
C MET C 38 28.19 15.59 -31.41
N ALA C 39 28.65 16.77 -31.85
CA ALA C 39 29.97 17.25 -31.48
C ALA C 39 30.08 17.49 -29.99
N TYR C 40 29.04 18.08 -29.38
CA TYR C 40 29.06 18.28 -27.94
C TYR C 40 29.09 16.95 -27.20
N CYS C 41 28.29 15.98 -27.66
CA CYS C 41 28.26 14.69 -26.98
C CYS C 41 29.61 13.99 -27.06
N GLU C 42 30.26 14.02 -28.23
CA GLU C 42 31.53 13.32 -28.38
C GLU C 42 32.68 14.06 -27.71
N ALA C 43 32.59 15.40 -27.59
CA ALA C 43 33.66 16.16 -26.96
C ALA C 43 33.72 15.91 -25.46
N HIS C 44 32.56 15.78 -24.82
CA HIS C 44 32.47 15.61 -23.38
C HIS C 44 32.14 14.18 -22.97
N ALA C 45 32.39 13.22 -23.86
CA ALA C 45 32.07 11.83 -23.56
C ALA C 45 32.92 11.28 -22.43
N LYS C 46 34.22 11.63 -22.40
CA LYS C 46 35.13 11.06 -21.42
C LYS C 46 34.93 11.65 -20.03
N GLU C 47 34.26 12.80 -19.92
CA GLU C 47 34.00 13.44 -18.65
C GLU C 47 32.64 13.06 -18.07
N ASP C 48 31.96 12.07 -18.66
CA ASP C 48 30.63 11.68 -18.23
C ASP C 48 30.72 10.41 -17.40
N PRO C 49 30.55 10.48 -16.08
CA PRO C 49 30.63 9.25 -15.27
C PRO C 49 29.54 8.23 -15.56
N LEU C 50 28.37 8.67 -16.04
CA LEU C 50 27.29 7.73 -16.31
C LEU C 50 27.53 6.95 -17.61
N LEU C 51 28.09 7.61 -18.63
CA LEU C 51 28.49 6.91 -19.84
C LEU C 51 29.58 5.89 -19.53
N THR C 52 30.74 6.37 -19.09
CA THR C 52 31.85 5.50 -18.73
C THR C 52 31.97 5.49 -17.21
N PRO C 53 31.57 4.40 -16.54
CA PRO C 53 31.63 4.39 -15.07
C PRO C 53 33.05 4.62 -14.56
N VAL C 54 33.15 5.40 -13.50
CA VAL C 54 34.43 5.79 -12.91
C VAL C 54 34.92 4.62 -12.07
N PRO C 55 36.24 4.39 -11.98
CA PRO C 55 36.75 3.36 -11.06
C PRO C 55 36.35 3.66 -9.63
N ALA C 56 36.12 2.59 -8.86
CA ALA C 56 35.60 2.72 -7.51
C ALA C 56 36.54 3.44 -6.55
N SER C 57 37.80 3.62 -6.94
CA SER C 57 38.74 4.34 -6.07
C SER C 57 38.29 5.77 -5.83
N GLU C 58 37.81 6.44 -6.88
CA GLU C 58 37.35 7.83 -6.77
C GLU C 58 35.85 7.97 -6.98
N ASN C 59 35.10 6.88 -6.84
CA ASN C 59 33.64 6.94 -6.83
C ASN C 59 33.18 7.26 -5.42
N PRO C 60 32.50 8.38 -5.18
CA PRO C 60 32.11 8.75 -3.81
C PRO C 60 30.84 8.09 -3.31
N PHE C 61 30.24 7.19 -4.07
CA PHE C 61 29.05 6.47 -3.66
C PHE C 61 29.31 4.97 -3.60
N ARG C 62 30.49 4.60 -3.10
CA ARG C 62 30.88 3.19 -2.99
C ARG C 62 30.47 2.61 -1.65
N HIS D 1 -3.24 -30.28 27.17
CA HIS D 1 -3.05 -30.41 25.74
C HIS D 1 -2.92 -31.86 25.33
N SER D 2 -2.93 -32.13 24.02
CA SER D 2 -2.85 -33.49 23.53
C SER D 2 -1.43 -34.05 23.60
N ASP D 3 -0.41 -33.20 23.50
CA ASP D 3 0.95 -33.68 23.63
C ASP D 3 1.20 -34.31 24.99
N GLY D 4 0.75 -33.65 26.04
CA GLY D 4 0.90 -34.20 27.38
C GLY D 4 0.11 -35.48 27.56
N ILE D 5 -1.11 -35.53 27.02
CA ILE D 5 -1.94 -36.73 27.14
C ILE D 5 -1.26 -37.90 26.46
N PHE D 6 -0.78 -37.70 25.23
CA PHE D 6 -0.11 -38.77 24.50
C PHE D 6 1.17 -39.21 25.20
N THR D 7 1.97 -38.26 25.68
CA THR D 7 3.20 -38.61 26.36
C THR D 7 2.92 -39.41 27.63
N ASP D 8 1.95 -38.97 28.42
CA ASP D 8 1.61 -39.70 29.64
C ASP D 8 1.09 -41.09 29.33
N SER D 9 0.21 -41.22 28.34
CA SER D 9 -0.33 -42.52 27.99
C SER D 9 0.75 -43.46 27.47
N TYR D 10 1.65 -42.96 26.62
CA TYR D 10 2.70 -43.80 26.07
C TYR D 10 3.69 -44.21 27.14
N SER D 11 4.04 -43.30 28.06
CA SER D 11 4.92 -43.67 29.16
C SER D 11 4.30 -44.74 30.04
N ARG D 12 3.01 -44.59 30.36
CA ARG D 12 2.32 -45.60 31.14
C ARG D 12 2.29 -46.94 30.42
N TYR D 13 2.08 -46.93 29.10
CA TYR D 13 2.07 -48.18 28.35
C TYR D 13 3.45 -48.84 28.32
N ARG D 14 4.50 -48.05 28.17
CA ARG D 14 5.84 -48.62 28.18
C ARG D 14 6.16 -49.23 29.53
N LYS D 15 5.76 -48.56 30.62
CA LYS D 15 5.91 -49.15 31.93
C LYS D 15 5.09 -50.43 32.07
N GLN D 16 3.90 -50.46 31.46
CA GLN D 16 3.10 -51.69 31.45
C GLN D 16 3.84 -52.83 30.78
N MET D 17 4.44 -52.57 29.62
CA MET D 17 5.18 -53.61 28.92
C MET D 17 6.36 -54.09 29.75
N ALA D 18 7.10 -53.16 30.36
CA ALA D 18 8.24 -53.55 31.17
C ALA D 18 7.83 -54.41 32.36
N VAL D 19 6.77 -54.00 33.07
CA VAL D 19 6.35 -54.75 34.25
C VAL D 19 5.76 -56.09 33.84
N LYS D 20 5.07 -56.16 32.71
CA LYS D 20 4.54 -57.43 32.26
C LYS D 20 5.66 -58.41 31.89
N LYS D 21 6.70 -57.91 31.21
CA LYS D 21 7.83 -58.76 30.89
C LYS D 21 8.53 -59.24 32.16
N TYR D 22 8.69 -58.35 33.14
CA TYR D 22 9.33 -58.74 34.39
C TYR D 22 8.50 -59.80 35.13
N LEU D 23 7.19 -59.62 35.17
CA LEU D 23 6.33 -60.58 35.86
C LEU D 23 6.31 -61.91 35.14
N ALA D 24 6.36 -61.89 33.80
CA ALA D 24 6.46 -63.14 33.05
C ALA D 24 7.78 -63.84 33.34
N ALA D 25 8.87 -63.07 33.45
CA ALA D 25 10.17 -63.67 33.75
C ALA D 25 10.19 -64.31 35.14
N VAL D 26 9.73 -63.56 36.15
CA VAL D 26 9.74 -64.11 37.51
C VAL D 26 8.71 -65.23 37.65
N LEU D 27 7.57 -65.10 36.99
CA LEU D 27 6.53 -66.13 37.04
C LEU D 27 6.22 -66.67 35.66
N GLN E 3 0.97 19.63 -33.98
CA GLN E 3 0.05 20.50 -33.26
C GLN E 3 -1.34 19.89 -33.24
N VAL E 4 -1.91 19.77 -32.04
CA VAL E 4 -3.24 19.18 -31.87
C VAL E 4 -4.29 20.22 -32.27
N GLN E 5 -5.22 19.80 -33.14
CA GLN E 5 -6.28 20.70 -33.57
C GLN E 5 -7.49 19.89 -34.01
N LEU E 6 -8.67 20.47 -33.72
CA LEU E 6 -9.96 19.88 -34.03
C LEU E 6 -10.78 20.92 -34.79
N GLN E 7 -11.24 20.56 -35.98
CA GLN E 7 -12.01 21.47 -36.83
C GLN E 7 -13.42 20.95 -36.98
N GLU E 8 -14.40 21.78 -36.67
CA GLU E 8 -15.80 21.40 -36.72
C GLU E 8 -16.45 21.99 -37.96
N SER E 9 -17.26 21.16 -38.64
CA SER E 9 -17.94 21.55 -39.87
C SER E 9 -19.40 21.14 -39.78
N GLY E 10 -20.24 21.90 -40.47
CA GLY E 10 -21.67 21.70 -40.40
C GLY E 10 -22.37 22.88 -39.78
N GLY E 11 -23.30 22.62 -38.87
CA GLY E 11 -23.99 23.72 -38.23
C GLY E 11 -24.95 24.42 -39.18
N GLY E 12 -25.18 25.70 -38.89
CA GLY E 12 -26.10 26.50 -39.68
C GLY E 12 -27.45 26.62 -39.02
N LEU E 13 -28.39 27.15 -39.80
CA LEU E 13 -29.77 27.37 -39.36
C LEU E 13 -30.68 26.35 -40.03
N VAL E 14 -31.47 25.64 -39.22
CA VAL E 14 -32.39 24.64 -39.73
C VAL E 14 -33.72 24.77 -39.00
N GLN E 15 -34.80 24.38 -39.67
CA GLN E 15 -36.12 24.48 -39.07
C GLN E 15 -36.28 23.48 -37.92
N PRO E 16 -37.12 23.80 -36.94
CA PRO E 16 -37.37 22.85 -35.85
C PRO E 16 -37.93 21.53 -36.38
N GLY E 17 -37.48 20.44 -35.77
CA GLY E 17 -37.86 19.12 -36.23
C GLY E 17 -37.03 18.58 -37.37
N GLY E 18 -36.08 19.34 -37.88
CA GLY E 18 -35.24 18.90 -38.97
C GLY E 18 -34.00 18.16 -38.50
N SER E 19 -33.22 17.69 -39.46
CA SER E 19 -32.00 16.93 -39.21
C SER E 19 -30.80 17.72 -39.71
N LEU E 20 -29.74 17.75 -38.90
CA LEU E 20 -28.52 18.46 -39.26
C LEU E 20 -27.34 17.65 -38.77
N ARG E 21 -26.23 17.70 -39.52
CA ARG E 21 -25.07 16.86 -39.29
C ARG E 21 -23.87 17.70 -38.89
N LEU E 22 -23.13 17.24 -37.87
CA LEU E 22 -21.89 17.87 -37.45
C LEU E 22 -20.74 16.90 -37.66
N SER E 23 -19.65 17.39 -38.24
CA SER E 23 -18.45 16.59 -38.48
C SER E 23 -17.28 17.25 -37.77
N CYS E 24 -16.31 16.42 -37.38
CA CYS E 24 -15.17 16.86 -36.58
C CYS E 24 -13.92 16.20 -37.16
N ALA E 25 -13.05 16.99 -37.77
CA ALA E 25 -11.80 16.50 -38.34
C ALA E 25 -10.66 16.81 -37.38
N ALA E 26 -9.89 15.78 -37.02
CA ALA E 26 -8.85 15.89 -36.01
C ALA E 26 -7.49 15.71 -36.63
N SER E 27 -6.50 16.43 -36.12
CA SER E 27 -5.12 16.20 -36.53
C SER E 27 -4.19 16.56 -35.38
N GLY E 28 -2.98 16.01 -35.43
CA GLY E 28 -2.00 16.24 -34.40
C GLY E 28 -1.94 15.20 -33.30
N PHE E 29 -2.76 14.15 -33.38
CA PHE E 29 -2.74 13.09 -32.38
C PHE E 29 -3.31 11.83 -33.01
N THR E 30 -3.05 10.71 -32.35
CA THR E 30 -3.58 9.42 -32.79
C THR E 30 -5.05 9.32 -32.39
N PHE E 31 -5.92 9.21 -33.40
CA PHE E 31 -7.36 9.24 -33.13
C PHE E 31 -7.80 8.04 -32.30
N SER E 32 -7.23 6.86 -32.57
CA SER E 32 -7.77 5.62 -32.04
C SER E 32 -7.69 5.55 -30.52
N ASN E 33 -6.56 5.95 -29.94
CA ASN E 33 -6.33 5.74 -28.52
C ASN E 33 -6.86 6.89 -27.66
N TYR E 34 -7.73 7.72 -28.20
CA TYR E 34 -8.36 8.81 -27.46
C TYR E 34 -9.88 8.66 -27.52
N LYS E 35 -10.53 8.76 -26.37
CA LYS E 35 -11.98 8.90 -26.37
C LYS E 35 -12.34 10.36 -26.61
N MET E 36 -13.46 10.58 -27.28
CA MET E 36 -13.83 11.95 -27.61
C MET E 36 -15.29 12.18 -27.33
N ASN E 37 -15.71 13.42 -27.48
CA ASN E 37 -17.07 13.77 -27.06
C ASN E 37 -17.50 15.10 -27.65
N TRP E 38 -18.80 15.34 -27.56
CA TRP E 38 -19.45 16.55 -28.03
C TRP E 38 -20.00 17.30 -26.85
N VAL E 39 -19.67 18.59 -26.76
CA VAL E 39 -20.20 19.50 -25.74
C VAL E 39 -20.80 20.69 -26.47
N ARG E 40 -21.54 21.52 -25.72
CA ARG E 40 -22.17 22.67 -26.35
C ARG E 40 -22.34 23.79 -25.34
N GLN E 41 -22.47 25.00 -25.87
CA GLN E 41 -22.70 26.21 -25.09
C GLN E 41 -23.90 26.93 -25.67
N ALA E 42 -24.99 27.01 -24.89
CA ALA E 42 -26.17 27.73 -25.29
C ALA E 42 -25.94 29.23 -25.15
N PRO E 43 -26.70 30.05 -25.88
CA PRO E 43 -26.57 31.51 -25.73
C PRO E 43 -26.89 31.95 -24.31
N GLY E 44 -25.92 32.60 -23.67
CA GLY E 44 -26.09 33.09 -22.32
C GLY E 44 -25.89 32.07 -21.23
N LYS E 45 -25.57 30.83 -21.59
CA LYS E 45 -25.40 29.74 -20.63
C LYS E 45 -23.94 29.31 -20.58
N GLY E 46 -23.67 28.27 -19.81
CA GLY E 46 -22.35 27.71 -19.70
C GLY E 46 -22.17 26.48 -20.58
N LEU E 47 -20.94 25.98 -20.60
CA LEU E 47 -20.62 24.78 -21.37
C LEU E 47 -21.23 23.55 -20.70
N GLU E 48 -21.89 22.72 -21.50
CA GLU E 48 -22.49 21.50 -21.01
C GLU E 48 -22.13 20.34 -21.93
N TRP E 49 -22.08 19.15 -21.35
CA TRP E 49 -21.64 17.94 -22.04
C TRP E 49 -22.82 17.27 -22.72
N VAL E 50 -22.66 16.93 -24.00
CA VAL E 50 -23.76 16.35 -24.77
C VAL E 50 -23.60 14.84 -24.83
N SER E 51 -22.49 14.36 -25.38
CA SER E 51 -22.35 12.91 -25.54
C SER E 51 -20.88 12.57 -25.62
N ASP E 52 -20.57 11.28 -25.42
CA ASP E 52 -19.19 10.81 -25.54
C ASP E 52 -19.13 9.43 -26.14
N ILE E 53 -18.01 9.15 -26.80
CA ILE E 53 -17.74 7.86 -27.44
C ILE E 53 -16.30 7.46 -27.14
N SER E 54 -16.10 6.18 -26.87
CA SER E 54 -14.85 5.66 -26.33
C SER E 54 -13.82 5.48 -27.44
N GLN E 55 -12.72 4.77 -27.13
CA GLN E 55 -11.65 4.59 -28.09
C GLN E 55 -12.13 3.87 -29.34
N SER E 56 -12.75 2.71 -29.16
CA SER E 56 -13.16 1.87 -30.27
C SER E 56 -14.56 2.18 -30.78
N GLY E 57 -15.30 3.06 -30.11
CA GLY E 57 -16.66 3.35 -30.49
C GLY E 57 -17.68 2.38 -29.95
N ALA E 58 -17.27 1.42 -29.11
CA ALA E 58 -18.21 0.46 -28.57
C ALA E 58 -19.09 1.06 -27.48
N SER E 59 -18.50 1.88 -26.60
CA SER E 59 -19.23 2.47 -25.49
C SER E 59 -19.62 3.90 -25.85
N ILE E 60 -20.92 4.19 -25.75
CA ILE E 60 -21.50 5.47 -26.13
C ILE E 60 -22.40 5.93 -24.99
N SER E 61 -22.35 7.22 -24.68
CA SER E 61 -23.30 7.77 -23.71
C SER E 61 -23.75 9.15 -24.15
N TYR E 62 -24.95 9.53 -23.71
CA TYR E 62 -25.57 10.81 -24.04
C TYR E 62 -26.11 11.45 -22.78
N THR E 63 -26.22 12.79 -22.83
CA THR E 63 -26.97 13.48 -21.80
C THR E 63 -28.46 13.18 -21.95
N GLY E 64 -29.17 13.29 -20.84
CA GLY E 64 -30.55 12.82 -20.82
C GLY E 64 -31.46 13.54 -21.80
N SER E 65 -31.35 14.87 -21.87
CA SER E 65 -32.22 15.66 -22.74
C SER E 65 -31.97 15.44 -24.21
N VAL E 66 -31.03 14.55 -24.56
CA VAL E 66 -30.65 14.31 -25.95
C VAL E 66 -30.87 12.86 -26.36
N LYS E 67 -30.56 11.91 -25.49
CA LYS E 67 -30.54 10.50 -25.88
C LYS E 67 -31.88 10.06 -26.45
N GLY E 68 -31.82 9.30 -27.54
CA GLY E 68 -32.96 8.98 -28.35
C GLY E 68 -33.08 9.81 -29.61
N ARG E 69 -32.39 10.94 -29.68
CA ARG E 69 -32.43 11.83 -30.84
C ARG E 69 -31.10 11.89 -31.58
N PHE E 70 -30.02 12.25 -30.88
CA PHE E 70 -28.72 12.41 -31.52
C PHE E 70 -27.96 11.09 -31.49
N THR E 71 -27.07 10.91 -32.47
CA THR E 71 -26.19 9.75 -32.49
C THR E 71 -24.76 10.20 -32.78
N ILE E 72 -23.80 9.42 -32.32
CA ILE E 72 -22.39 9.73 -32.54
C ILE E 72 -21.69 8.49 -33.11
N SER E 73 -20.64 8.73 -33.89
CA SER E 73 -19.84 7.66 -34.44
C SER E 73 -18.48 8.22 -34.81
N ARG E 74 -17.44 7.41 -34.61
CA ARG E 74 -16.08 7.80 -34.95
C ARG E 74 -15.55 6.92 -36.08
N ASP E 75 -14.76 7.53 -36.95
CA ASP E 75 -14.10 6.84 -38.05
C ASP E 75 -12.60 7.03 -37.85
N ASN E 76 -11.95 5.98 -37.33
CA ASN E 76 -10.51 6.03 -37.12
C ASN E 76 -9.74 5.94 -38.42
N ALA E 77 -10.35 5.42 -39.48
CA ALA E 77 -9.72 5.45 -40.79
C ALA E 77 -9.63 6.87 -41.33
N LYS E 78 -10.71 7.64 -41.19
CA LYS E 78 -10.75 9.03 -41.63
C LYS E 78 -10.45 10.01 -40.51
N ASN E 79 -10.26 9.53 -39.28
CA ASN E 79 -9.97 10.38 -38.12
C ASN E 79 -11.05 11.45 -37.95
N THR E 80 -12.30 11.03 -37.94
CA THR E 80 -13.41 11.98 -37.94
C THR E 80 -14.51 11.55 -36.98
N LEU E 81 -15.00 12.51 -36.20
CA LEU E 81 -16.12 12.30 -35.29
C LEU E 81 -17.39 12.88 -35.89
N TYR E 82 -18.54 12.25 -35.58
CA TYR E 82 -19.80 12.65 -36.17
C TYR E 82 -20.86 12.87 -35.10
N LEU E 83 -21.83 13.72 -35.43
CA LEU E 83 -23.00 13.93 -34.57
C LEU E 83 -24.21 14.15 -35.46
N GLN E 84 -25.14 13.19 -35.42
CA GLN E 84 -26.40 13.28 -36.15
C GLN E 84 -27.46 13.82 -35.21
N MET E 85 -28.17 14.85 -35.68
CA MET E 85 -29.05 15.68 -34.84
C MET E 85 -30.45 15.74 -35.43
N ASN E 86 -31.02 14.59 -35.78
CA ASN E 86 -32.35 14.57 -36.36
C ASN E 86 -33.40 14.93 -35.31
N SER E 87 -34.53 15.45 -35.80
CA SER E 87 -35.66 15.87 -34.95
C SER E 87 -35.21 16.90 -33.91
N LEU E 88 -34.72 18.02 -34.40
CA LEU E 88 -34.19 19.06 -33.53
C LEU E 88 -35.33 19.79 -32.80
N LYS E 89 -34.96 20.45 -31.71
CA LYS E 89 -35.89 21.20 -30.87
C LYS E 89 -35.37 22.60 -30.68
N PRO E 90 -36.26 23.57 -30.44
CA PRO E 90 -35.81 24.97 -30.34
C PRO E 90 -34.80 25.22 -29.25
N GLU E 91 -34.75 24.39 -28.20
CA GLU E 91 -33.79 24.56 -27.12
C GLU E 91 -32.43 23.97 -27.43
N ASP E 92 -32.21 23.50 -28.65
CA ASP E 92 -30.93 22.95 -29.07
C ASP E 92 -30.03 23.97 -29.76
N THR E 93 -30.44 25.22 -29.82
CA THR E 93 -29.60 26.27 -30.42
C THR E 93 -28.41 26.53 -29.54
N ALA E 94 -27.20 26.32 -30.07
CA ALA E 94 -25.99 26.45 -29.27
C ALA E 94 -24.78 26.37 -30.19
N VAL E 95 -23.63 26.73 -29.63
CA VAL E 95 -22.35 26.50 -30.29
C VAL E 95 -21.83 25.15 -29.84
N TYR E 96 -21.60 24.24 -30.79
CA TYR E 96 -21.20 22.88 -30.49
C TYR E 96 -19.69 22.74 -30.67
N TYR E 97 -19.04 22.14 -29.67
CA TYR E 97 -17.60 21.93 -29.67
C TYR E 97 -17.30 20.44 -29.66
N CYS E 98 -16.46 20.01 -30.58
CA CYS E 98 -15.87 18.69 -30.57
C CYS E 98 -14.66 18.69 -29.65
N ALA E 99 -14.73 17.94 -28.55
CA ALA E 99 -13.69 17.98 -27.55
C ALA E 99 -13.03 16.62 -27.41
N ARG E 100 -11.74 16.65 -27.07
CA ARG E 100 -10.88 15.49 -26.96
C ARG E 100 -10.52 15.24 -25.51
N CYS E 101 -10.24 13.99 -25.20
CA CYS E 101 -9.81 13.58 -23.88
C CYS E 101 -8.39 14.07 -23.62
N PRO E 102 -8.08 14.42 -22.36
CA PRO E 102 -6.73 14.95 -22.07
C PRO E 102 -5.61 13.97 -22.36
N ALA E 103 -5.77 12.70 -22.02
CA ALA E 103 -4.71 11.71 -22.11
C ALA E 103 -5.22 10.45 -22.77
N PRO E 104 -4.35 9.68 -23.41
CA PRO E 104 -4.77 8.43 -24.04
C PRO E 104 -4.76 7.25 -23.07
N PHE E 105 -5.48 6.21 -23.47
CA PHE E 105 -5.57 4.96 -22.69
C PHE E 105 -6.11 5.20 -21.29
N THR E 106 -7.07 6.11 -21.17
CA THR E 106 -7.67 6.42 -19.87
C THR E 106 -9.18 6.27 -19.95
N ARG E 107 -9.79 6.11 -18.78
CA ARG E 107 -11.23 5.95 -18.68
C ARG E 107 -11.90 7.05 -17.87
N ASP E 108 -11.16 7.80 -17.06
CA ASP E 108 -11.72 8.88 -16.26
C ASP E 108 -11.99 10.13 -17.11
N CYS E 109 -10.94 10.67 -17.70
CA CYS E 109 -11.04 11.70 -18.74
C CYS E 109 -11.70 12.96 -18.20
N PHE E 110 -11.02 13.58 -17.23
CA PHE E 110 -11.60 14.64 -16.42
C PHE E 110 -12.18 15.82 -17.18
N ASP E 111 -11.33 16.60 -17.84
CA ASP E 111 -11.69 17.95 -18.23
C ASP E 111 -12.16 17.97 -19.68
N VAL E 112 -13.42 18.38 -19.87
CA VAL E 112 -13.96 18.62 -21.20
C VAL E 112 -14.64 19.98 -21.25
N THR E 113 -15.55 20.23 -20.31
CA THR E 113 -16.39 21.42 -20.33
C THR E 113 -15.82 22.51 -19.42
N SER E 114 -14.59 22.91 -19.70
CA SER E 114 -13.97 24.02 -18.99
C SER E 114 -13.95 25.27 -19.85
N THR E 115 -13.77 26.41 -19.19
CA THR E 115 -13.76 27.68 -19.88
C THR E 115 -12.62 27.78 -20.87
N THR E 116 -11.43 27.29 -20.50
CA THR E 116 -10.23 27.44 -21.30
C THR E 116 -9.57 26.09 -21.56
N TYR E 117 -10.37 25.08 -21.86
CA TYR E 117 -9.81 23.77 -22.21
C TYR E 117 -9.06 23.85 -23.53
N ALA E 118 -7.92 23.18 -23.59
CA ALA E 118 -7.00 23.31 -24.71
C ALA E 118 -7.36 22.38 -25.87
N TYR E 119 -7.62 21.11 -25.59
CA TYR E 119 -7.88 20.15 -26.65
C TYR E 119 -9.33 20.19 -27.11
N ARG E 120 -9.80 21.39 -27.45
CA ARG E 120 -11.17 21.60 -27.88
C ARG E 120 -11.18 22.45 -29.13
N GLY E 121 -12.16 22.21 -29.99
CA GLY E 121 -12.27 22.91 -31.25
C GLY E 121 -12.89 24.29 -31.10
N GLN E 122 -12.99 24.99 -32.24
CA GLN E 122 -13.58 26.32 -32.25
C GLN E 122 -15.10 26.26 -32.14
N GLY E 123 -15.72 25.23 -32.70
CA GLY E 123 -17.14 25.02 -32.58
C GLY E 123 -17.91 25.55 -33.79
N THR E 124 -19.13 25.05 -33.94
CA THR E 124 -20.03 25.46 -35.01
C THR E 124 -21.35 25.88 -34.39
N GLN E 125 -21.92 26.98 -34.89
CA GLN E 125 -23.20 27.45 -34.37
C GLN E 125 -24.35 26.69 -35.03
N VAL E 126 -25.23 26.13 -34.21
CA VAL E 126 -26.42 25.43 -34.68
C VAL E 126 -27.63 26.20 -34.17
N THR E 127 -28.47 26.66 -35.10
CA THR E 127 -29.63 27.47 -34.78
C THR E 127 -30.88 26.82 -35.32
N VAL E 128 -31.94 26.82 -34.51
CA VAL E 128 -33.25 26.34 -34.92
C VAL E 128 -34.27 27.42 -34.57
N SER E 129 -35.00 27.88 -35.58
CA SER E 129 -35.98 28.95 -35.38
C SER E 129 -36.94 28.94 -36.56
N SER E 130 -38.07 29.61 -36.37
CA SER E 130 -39.10 29.70 -37.40
C SER E 130 -39.77 31.07 -37.38
N GLU F 1 14.94 -43.04 28.93
CA GLU F 1 13.97 -44.08 28.61
C GLU F 1 12.99 -44.26 29.75
N CYS F 2 11.90 -44.99 29.50
CA CYS F 2 10.92 -45.31 30.51
C CYS F 2 11.31 -46.61 31.23
N ARG F 3 12.54 -46.62 31.73
CA ARG F 3 13.10 -47.77 32.45
C ARG F 3 13.31 -47.43 33.91
N PHE F 4 12.37 -46.68 34.49
CA PHE F 4 12.40 -46.41 35.91
C PHE F 4 12.07 -47.65 36.71
N HIS F 5 11.33 -48.59 36.10
CA HIS F 5 10.99 -49.83 36.79
C HIS F 5 12.23 -50.63 37.12
N LEU F 6 13.21 -50.67 36.21
CA LEU F 6 14.45 -51.38 36.49
C LEU F 6 15.21 -50.74 37.65
N GLU F 7 15.27 -49.40 37.66
CA GLU F 7 15.95 -48.71 38.75
C GLU F 7 15.29 -48.98 40.09
N ILE F 8 13.95 -48.91 40.14
CA ILE F 8 13.27 -49.15 41.41
C ILE F 8 13.34 -50.63 41.81
N GLN F 9 13.39 -51.54 40.85
CA GLN F 9 13.63 -52.96 41.18
C GLN F 9 15.01 -53.15 41.79
N GLU F 10 16.02 -52.47 41.25
CA GLU F 10 17.35 -52.55 41.85
C GLU F 10 17.36 -51.94 43.24
N GLU F 11 16.60 -50.85 43.44
CA GLU F 11 16.47 -50.26 44.77
C GLU F 11 15.85 -51.25 45.74
N GLU F 12 14.77 -51.92 45.34
CA GLU F 12 14.12 -52.89 46.21
C GLU F 12 14.93 -54.16 46.39
N THR F 13 15.85 -54.45 45.48
CA THR F 13 16.80 -55.54 45.70
C THR F 13 17.85 -55.17 46.73
N LYS F 14 18.38 -53.94 46.64
CA LYS F 14 19.28 -53.46 47.67
C LYS F 14 18.58 -53.34 49.02
N CYS F 15 17.25 -53.14 49.00
CA CYS F 15 16.45 -53.20 50.22
C CYS F 15 16.66 -54.51 50.95
N ALA F 16 16.53 -55.64 50.25
CA ALA F 16 16.73 -56.93 50.89
C ALA F 16 18.21 -57.20 51.15
N GLU F 17 19.09 -56.73 50.26
CA GLU F 17 20.51 -57.01 50.43
C GLU F 17 21.08 -56.33 51.68
N LEU F 18 20.64 -55.10 51.96
CA LEU F 18 21.19 -54.34 53.08
C LEU F 18 20.52 -54.68 54.40
N LEU F 19 19.19 -54.74 54.42
CA LEU F 19 18.46 -54.98 55.66
C LEU F 19 18.66 -56.39 56.20
N ARG F 20 19.12 -57.33 55.39
CA ARG F 20 19.42 -58.68 55.84
C ARG F 20 20.93 -58.94 55.92
N SER F 21 21.75 -57.89 55.84
CA SER F 21 23.19 -58.07 55.94
C SER F 21 23.60 -58.57 57.32
N GLN F 22 22.99 -58.04 58.37
CA GLN F 22 23.31 -58.47 59.72
C GLN F 22 22.82 -59.89 59.96
N THR F 23 23.55 -60.60 60.83
CA THR F 23 23.21 -61.98 61.20
C THR F 23 23.37 -62.09 62.71
N GLU F 24 22.26 -62.09 63.43
CA GLU F 24 22.26 -62.14 64.89
C GLU F 24 21.54 -63.35 65.45
N LYS F 25 20.40 -63.74 64.86
CA LYS F 25 19.67 -64.90 65.35
C LYS F 25 18.82 -65.43 64.19
N HIS F 26 19.19 -66.58 63.64
CA HIS F 26 18.45 -67.18 62.56
C HIS F 26 17.05 -67.57 63.02
N LYS F 27 16.06 -67.26 62.19
CA LYS F 27 14.67 -67.56 62.49
C LYS F 27 14.22 -68.81 61.73
N ALA F 28 12.97 -69.22 62.01
CA ALA F 28 12.41 -70.38 61.30
C ALA F 28 12.28 -70.11 59.82
N CYS F 29 11.82 -68.92 59.45
CA CYS F 29 11.67 -68.51 58.06
C CYS F 29 12.61 -67.33 57.81
N SER F 30 13.85 -67.64 57.44
CA SER F 30 14.84 -66.60 57.20
C SER F 30 14.45 -65.75 56.00
N GLY F 31 14.80 -64.46 56.06
CA GLY F 31 14.50 -63.53 55.00
C GLY F 31 15.19 -63.87 53.70
N VAL F 32 14.41 -63.99 52.62
CA VAL F 32 14.93 -64.32 51.30
C VAL F 32 14.36 -63.35 50.29
N TRP F 33 15.04 -63.23 49.15
CA TRP F 33 14.61 -62.35 48.07
C TRP F 33 13.70 -63.13 47.14
N ASP F 34 12.40 -63.03 47.39
CA ASP F 34 11.40 -63.67 46.54
C ASP F 34 10.12 -62.87 46.61
N ASN F 35 9.28 -63.04 45.58
CA ASN F 35 8.00 -62.37 45.46
C ASN F 35 8.14 -60.85 45.40
N ILE F 36 9.35 -60.37 45.07
CA ILE F 36 9.65 -58.95 44.89
C ILE F 36 9.23 -58.17 46.14
N THR F 37 9.70 -58.61 47.29
CA THR F 37 9.42 -57.94 48.56
C THR F 37 10.64 -58.06 49.47
N CYS F 38 10.73 -57.13 50.42
CA CYS F 38 11.79 -57.16 51.44
C CYS F 38 11.29 -57.98 52.62
N TRP F 39 11.37 -59.30 52.47
CA TRP F 39 10.88 -60.21 53.50
C TRP F 39 11.69 -60.06 54.78
N ARG F 40 10.98 -60.04 55.92
CA ARG F 40 11.57 -60.00 57.25
C ARG F 40 11.48 -61.37 57.90
N PRO F 41 12.56 -61.85 58.52
CA PRO F 41 12.52 -63.16 59.16
C PRO F 41 11.47 -63.22 60.27
N ALA F 42 10.81 -64.35 60.38
CA ALA F 42 9.75 -64.55 61.37
C ALA F 42 9.92 -65.91 62.02
N ASN F 43 9.40 -66.04 63.24
CA ASN F 43 9.51 -67.27 64.00
C ASN F 43 8.34 -68.20 63.67
N VAL F 44 8.29 -69.33 64.37
CA VAL F 44 7.27 -70.34 64.12
C VAL F 44 5.89 -69.80 64.48
N GLY F 45 4.88 -70.24 63.74
CA GLY F 45 3.51 -69.87 64.02
C GLY F 45 3.16 -68.42 63.76
N GLU F 46 3.65 -67.85 62.65
CA GLU F 46 3.31 -66.49 62.27
C GLU F 46 2.87 -66.48 60.81
N THR F 47 1.91 -65.62 60.50
CA THR F 47 1.42 -65.42 59.14
C THR F 47 1.80 -64.01 58.71
N VAL F 48 2.51 -63.92 57.59
CA VAL F 48 2.98 -62.65 57.06
C VAL F 48 2.06 -62.25 55.91
N THR F 49 1.21 -61.26 56.15
CA THR F 49 0.33 -60.72 55.12
C THR F 49 0.77 -59.30 54.80
N VAL F 50 1.17 -59.07 53.56
CA VAL F 50 1.67 -57.76 53.16
C VAL F 50 0.97 -57.34 51.88
N PRO F 51 0.75 -56.04 51.66
CA PRO F 51 0.10 -55.61 50.41
C PRO F 51 0.99 -55.86 49.21
N CYS F 52 0.36 -55.97 48.06
CA CYS F 52 1.11 -56.07 46.81
C CYS F 52 1.99 -54.84 46.66
N PRO F 53 3.20 -54.97 46.11
CA PRO F 53 4.17 -53.87 46.15
C PRO F 53 3.62 -52.61 45.51
N LYS F 54 3.92 -51.47 46.13
CA LYS F 54 3.45 -50.19 45.64
C LYS F 54 4.06 -49.84 44.29
N VAL F 55 5.19 -50.46 43.93
CA VAL F 55 5.81 -50.21 42.64
C VAL F 55 4.87 -50.55 41.49
N PHE F 56 3.96 -51.50 41.70
CA PHE F 56 2.96 -51.85 40.69
C PHE F 56 1.58 -51.30 41.04
N SER F 57 1.50 -50.18 41.77
CA SER F 57 0.21 -49.65 42.19
C SER F 57 -0.65 -49.27 40.99
N ASN F 58 -0.05 -48.67 39.97
CA ASN F 58 -0.80 -48.30 38.77
C ASN F 58 -1.26 -49.52 37.97
N PHE F 59 -0.77 -50.71 38.33
CA PHE F 59 -0.94 -51.89 37.49
C PHE F 59 -1.92 -52.88 38.10
N TYR F 60 -2.71 -52.45 39.08
CA TYR F 60 -3.57 -53.34 39.84
C TYR F 60 -5.04 -53.11 39.48
N SER F 61 -5.77 -54.19 39.26
CA SER F 61 -7.21 -54.15 39.09
C SER F 61 -7.98 -54.37 40.39
N LYS F 62 -7.27 -54.61 41.49
CA LYS F 62 -7.90 -54.85 42.77
C LYS F 62 -6.88 -54.60 43.88
N ALA F 63 -7.35 -54.04 44.99
CA ALA F 63 -6.50 -53.80 46.16
C ALA F 63 -6.35 -55.11 46.94
N GLY F 64 -5.40 -55.93 46.51
CA GLY F 64 -5.18 -57.22 47.12
C GLY F 64 -3.85 -57.32 47.84
N ASN F 65 -3.74 -58.28 48.75
CA ASN F 65 -2.52 -58.50 49.52
C ASN F 65 -2.13 -59.97 49.42
N ILE F 66 -0.84 -60.22 49.63
CA ILE F 66 -0.26 -61.57 49.55
C ILE F 66 0.03 -62.05 50.96
N SER F 67 -0.35 -63.29 51.24
CA SER F 67 -0.21 -63.90 52.56
C SER F 67 0.67 -65.14 52.46
N LYS F 68 1.54 -65.31 53.46
CA LYS F 68 2.41 -66.46 53.54
C LYS F 68 2.37 -67.03 54.96
N ASN F 69 2.52 -68.35 55.06
CA ASN F 69 2.55 -69.04 56.34
C ASN F 69 3.97 -69.47 56.65
N CYS F 70 4.45 -69.14 57.85
CA CYS F 70 5.81 -69.45 58.25
C CYS F 70 5.86 -70.82 58.92
N THR F 71 6.80 -71.65 58.51
CA THR F 71 6.95 -72.99 59.02
C THR F 71 8.43 -73.22 59.35
N SER F 72 8.69 -74.24 60.18
CA SER F 72 10.06 -74.50 60.64
C SER F 72 11.02 -74.72 59.47
N ASP F 73 10.58 -75.46 58.46
CA ASP F 73 11.43 -75.66 57.29
C ASP F 73 11.60 -74.38 56.49
N GLY F 74 10.58 -73.53 56.46
CA GLY F 74 10.63 -72.27 55.75
C GLY F 74 9.29 -71.99 55.10
N TRP F 75 9.29 -71.01 54.20
CA TRP F 75 8.08 -70.65 53.48
C TRP F 75 7.91 -71.59 52.29
N SER F 76 6.75 -72.24 52.21
CA SER F 76 6.52 -73.22 51.15
C SER F 76 6.11 -72.56 49.85
N GLU F 77 4.98 -71.87 49.84
CA GLU F 77 4.48 -71.22 48.64
C GLU F 77 3.49 -70.14 49.02
N THR F 78 3.28 -69.20 48.10
CA THR F 78 2.32 -68.12 48.31
C THR F 78 0.91 -68.63 48.02
N PHE F 79 0.03 -68.53 49.01
CA PHE F 79 -1.34 -69.00 48.82
C PHE F 79 -2.10 -68.24 47.74
N PRO F 80 -2.11 -66.89 47.71
CA PRO F 80 -2.79 -66.21 46.60
C PRO F 80 -1.89 -65.96 45.42
N ASP F 81 -2.34 -66.32 44.22
CA ASP F 81 -1.57 -66.08 43.01
C ASP F 81 -1.45 -64.59 42.75
N PHE F 82 -0.27 -64.16 42.30
CA PHE F 82 -0.05 -62.75 42.02
C PHE F 82 -0.93 -62.26 40.89
N VAL F 83 -1.05 -63.06 39.82
CA VAL F 83 -1.91 -62.66 38.71
C VAL F 83 -3.37 -62.59 39.14
N ASP F 84 -3.79 -63.53 39.98
CA ASP F 84 -5.18 -63.53 40.45
C ASP F 84 -5.44 -62.40 41.43
N ALA F 85 -4.46 -62.08 42.28
CA ALA F 85 -4.68 -61.08 43.32
C ALA F 85 -4.51 -59.66 42.78
N CYS F 86 -3.31 -59.35 42.29
CA CYS F 86 -2.98 -57.99 41.82
C CYS F 86 -2.28 -58.07 40.47
N GLY F 87 -2.85 -58.83 39.54
CA GLY F 87 -2.26 -59.04 38.24
C GLY F 87 -2.53 -57.89 37.28
N TYR F 88 -1.95 -58.02 36.07
CA TYR F 88 -2.11 -56.99 35.05
C TYR F 88 -3.54 -56.96 34.52
N SER F 89 -4.11 -58.12 34.21
CA SER F 89 -5.48 -58.24 33.70
C SER F 89 -5.69 -57.39 32.45
N ASP F 90 -4.69 -57.37 31.58
CA ASP F 90 -4.74 -56.61 30.32
C ASP F 90 -4.39 -57.56 29.18
N PRO F 91 -5.38 -58.28 28.64
CA PRO F 91 -5.08 -59.21 27.53
C PRO F 91 -5.07 -58.54 26.17
N GLU F 92 -5.79 -57.43 26.04
CA GLU F 92 -5.91 -56.73 24.77
C GLU F 92 -4.92 -55.59 24.61
N ASP F 93 -4.06 -55.35 25.60
CA ASP F 93 -3.14 -54.23 25.51
C ASP F 93 -1.98 -54.47 24.55
N GLU F 94 -1.68 -55.74 24.25
CA GLU F 94 -0.52 -56.04 23.41
C GLU F 94 -0.65 -55.44 22.02
N SER F 95 -1.87 -55.18 21.57
CA SER F 95 -2.12 -54.62 20.25
C SER F 95 -2.21 -53.10 20.26
N LYS F 96 -2.13 -52.45 21.42
CA LYS F 96 -2.21 -50.99 21.43
C LYS F 96 -0.90 -50.36 20.96
N ILE F 97 0.22 -51.07 21.12
CA ILE F 97 1.53 -50.46 20.87
C ILE F 97 1.61 -49.88 19.46
N THR F 98 1.18 -50.65 18.45
CA THR F 98 1.21 -50.17 17.08
C THR F 98 0.50 -48.83 16.97
N PHE F 99 -0.68 -48.72 17.58
CA PHE F 99 -1.42 -47.46 17.55
C PHE F 99 -0.55 -46.30 18.00
N TYR F 100 0.09 -46.44 19.18
CA TYR F 100 0.97 -45.40 19.65
C TYR F 100 2.03 -45.09 18.59
N ILE F 101 2.71 -46.13 18.12
CA ILE F 101 3.75 -45.93 17.11
C ILE F 101 3.17 -45.21 15.91
N LEU F 102 2.00 -45.66 15.46
CA LEU F 102 1.35 -45.01 14.32
C LEU F 102 1.19 -43.53 14.58
N VAL F 103 0.59 -43.18 15.73
CA VAL F 103 0.43 -41.77 16.06
C VAL F 103 1.79 -41.10 16.15
N LYS F 104 2.73 -41.75 16.82
CA LYS F 104 4.06 -41.16 17.01
C LYS F 104 4.71 -40.87 15.67
N ALA F 105 4.32 -41.60 14.62
CA ALA F 105 4.85 -41.27 13.30
C ALA F 105 4.14 -40.05 12.73
N ILE F 106 2.80 -40.09 12.69
CA ILE F 106 2.05 -39.11 11.91
C ILE F 106 2.40 -37.70 12.34
N TYR F 107 2.15 -37.36 13.61
CA TYR F 107 2.40 -35.99 14.04
C TYR F 107 3.86 -35.62 13.87
N THR F 108 4.77 -36.59 14.05
CA THR F 108 6.18 -36.31 13.82
C THR F 108 6.36 -35.73 12.42
N LEU F 109 5.85 -36.45 11.41
CA LEU F 109 5.90 -35.95 10.04
C LEU F 109 5.33 -34.55 9.98
N GLY F 110 4.14 -34.36 10.56
CA GLY F 110 3.51 -33.06 10.62
C GLY F 110 4.48 -32.03 11.11
N TYR F 111 4.98 -32.22 12.33
CA TYR F 111 5.87 -31.22 12.90
C TYR F 111 7.05 -31.00 11.95
N SER F 112 7.63 -32.10 11.47
CA SER F 112 8.73 -32.00 10.52
C SER F 112 8.39 -31.06 9.38
N VAL F 113 7.32 -31.36 8.63
CA VAL F 113 7.03 -30.53 7.47
C VAL F 113 6.70 -29.12 7.92
N SER F 114 5.98 -28.99 9.04
CA SER F 114 5.66 -27.67 9.56
C SER F 114 6.94 -26.88 9.76
N LEU F 115 7.93 -27.51 10.43
CA LEU F 115 9.21 -26.86 10.61
C LEU F 115 9.78 -26.43 9.27
N MET F 116 9.87 -27.36 8.33
CA MET F 116 10.50 -27.06 7.05
C MET F 116 9.75 -25.97 6.30
N SER F 117 8.49 -25.72 6.65
CA SER F 117 7.81 -24.55 6.09
C SER F 117 8.09 -23.31 6.92
N LEU F 118 7.81 -23.38 8.23
CA LEU F 118 7.78 -22.17 9.02
C LEU F 118 9.13 -21.45 8.98
N ALA F 119 10.21 -22.21 9.14
CA ALA F 119 11.54 -21.64 9.09
C ALA F 119 11.74 -20.82 7.82
N THR F 120 11.47 -21.42 6.65
CA THR F 120 11.70 -20.67 5.43
C THR F 120 10.73 -19.50 5.35
N GLY F 121 9.48 -19.70 5.81
CA GLY F 121 8.57 -18.57 5.86
C GLY F 121 9.16 -17.41 6.64
N SER F 122 9.80 -17.73 7.77
CA SER F 122 10.39 -16.69 8.60
C SER F 122 11.39 -15.86 7.80
N ILE F 123 12.25 -16.51 7.01
CA ILE F 123 13.28 -15.72 6.34
C ILE F 123 12.63 -14.81 5.30
N ILE F 124 11.51 -15.23 4.72
CA ILE F 124 10.83 -14.38 3.75
C ILE F 124 10.31 -13.12 4.45
N LEU F 125 9.87 -13.24 5.69
CA LEU F 125 9.47 -12.05 6.44
C LEU F 125 10.67 -11.33 7.03
N CYS F 126 11.85 -11.94 7.02
CA CYS F 126 13.02 -11.28 7.60
C CYS F 126 13.87 -10.63 6.52
N LEU F 127 14.10 -11.32 5.40
CA LEU F 127 14.97 -10.79 4.36
C LEU F 127 14.41 -9.53 3.73
N PHE F 128 13.10 -9.52 3.46
CA PHE F 128 12.50 -8.43 2.71
C PHE F 128 12.07 -7.29 3.65
N ARG F 129 12.50 -6.07 3.34
CA ARG F 129 12.25 -4.92 4.19
C ARG F 129 10.85 -4.33 4.00
N LYS F 130 10.21 -4.57 2.86
CA LYS F 130 8.84 -4.09 2.67
C LYS F 130 7.86 -4.72 3.65
N LEU F 131 8.18 -5.91 4.16
CA LEU F 131 7.28 -6.70 4.97
C LEU F 131 7.45 -6.42 6.47
N HIS F 132 7.95 -5.23 6.82
CA HIS F 132 8.27 -4.93 8.21
C HIS F 132 7.16 -4.07 8.83
N CYS F 133 6.00 -4.68 8.96
CA CYS F 133 4.87 -4.08 9.65
C CYS F 133 4.59 -4.86 10.94
N THR F 134 3.74 -4.28 11.78
CA THR F 134 3.40 -4.91 13.06
C THR F 134 2.72 -6.25 12.84
N ARG F 135 1.84 -6.33 11.84
CA ARG F 135 1.15 -7.59 11.55
C ARG F 135 2.14 -8.68 11.17
N ASN F 136 3.13 -8.35 10.34
CA ASN F 136 4.12 -9.34 9.96
C ASN F 136 5.07 -9.68 11.11
N TYR F 137 5.30 -8.74 12.02
CA TYR F 137 6.08 -9.07 13.23
C TYR F 137 5.33 -10.07 14.10
N ILE F 138 4.02 -9.88 14.26
CA ILE F 138 3.22 -10.83 15.01
C ILE F 138 3.18 -12.18 14.32
N HIS F 139 3.08 -12.17 12.98
CA HIS F 139 3.13 -13.43 12.22
C HIS F 139 4.47 -14.12 12.39
N LEU F 140 5.57 -13.35 12.40
CA LEU F 140 6.90 -13.92 12.60
C LEU F 140 7.03 -14.55 13.97
N ASN F 141 6.51 -13.88 15.00
CA ASN F 141 6.56 -14.44 16.35
C ASN F 141 5.71 -15.69 16.46
N LEU F 142 4.56 -15.72 15.79
CA LEU F 142 3.74 -16.92 15.76
C LEU F 142 4.47 -18.07 15.08
N PHE F 143 5.15 -17.78 13.96
CA PHE F 143 5.92 -18.81 13.28
C PHE F 143 7.03 -19.34 14.17
N LEU F 144 7.70 -18.45 14.90
CA LEU F 144 8.75 -18.88 15.81
C LEU F 144 8.19 -19.74 16.95
N SER F 145 7.01 -19.40 17.45
CA SER F 145 6.38 -20.23 18.48
C SER F 145 6.05 -21.62 17.94
N PHE F 146 5.57 -21.70 16.69
CA PHE F 146 5.34 -22.99 16.05
C PHE F 146 6.62 -23.79 15.92
N ILE F 147 7.71 -23.12 15.50
CA ILE F 147 9.00 -23.79 15.33
C ILE F 147 9.50 -24.33 16.66
N LEU F 148 9.39 -23.52 17.71
CA LEU F 148 9.81 -23.95 19.04
C LEU F 148 8.99 -25.14 19.51
N ARG F 149 7.67 -25.12 19.26
CA ARG F 149 6.83 -26.25 19.65
C ARG F 149 7.26 -27.53 18.95
N ALA F 150 7.51 -27.46 17.65
CA ALA F 150 7.93 -28.65 16.91
C ALA F 150 9.28 -29.16 17.39
N ILE F 151 10.23 -28.25 17.61
CA ILE F 151 11.55 -28.65 18.09
C ILE F 151 11.45 -29.31 19.45
N SER F 152 10.65 -28.73 20.36
CA SER F 152 10.48 -29.30 21.69
C SER F 152 9.86 -30.68 21.63
N VAL F 153 8.87 -30.87 20.76
CA VAL F 153 8.24 -32.19 20.63
C VAL F 153 9.25 -33.22 20.14
N LEU F 154 10.04 -32.85 19.12
CA LEU F 154 11.03 -33.79 18.60
C LEU F 154 12.09 -34.12 19.66
N VAL F 155 12.54 -33.11 20.41
CA VAL F 155 13.54 -33.34 21.45
C VAL F 155 13.00 -34.24 22.55
N LYS F 156 11.74 -34.00 22.96
CA LYS F 156 11.13 -34.85 23.97
C LYS F 156 11.02 -36.29 23.50
N ASP F 157 10.62 -36.48 22.24
CA ASP F 157 10.52 -37.84 21.69
C ASP F 157 11.88 -38.51 21.66
N ASP F 158 12.92 -37.77 21.28
CA ASP F 158 14.27 -38.33 21.30
C ASP F 158 14.71 -38.70 22.71
N VAL F 159 14.39 -37.86 23.69
CA VAL F 159 14.86 -38.09 25.05
C VAL F 159 14.16 -39.29 25.67
N LEU F 160 12.84 -39.39 25.48
CA LEU F 160 12.06 -40.38 26.23
C LEU F 160 11.90 -41.71 25.51
N TYR F 161 11.82 -41.70 24.19
CA TYR F 161 11.45 -42.90 23.42
C TYR F 161 12.49 -43.20 22.35
N SER F 162 13.76 -43.20 22.73
CA SER F 162 14.83 -43.47 21.79
C SER F 162 15.19 -44.94 21.77
N SER F 163 15.96 -45.34 20.74
CA SER F 163 16.48 -46.69 20.65
C SER F 163 17.92 -46.73 20.14
N SER F 164 18.57 -45.58 19.92
CA SER F 164 19.92 -45.58 19.37
C SER F 164 20.92 -46.17 20.35
N GLY F 165 20.76 -45.89 21.64
CA GLY F 165 21.68 -46.37 22.65
C GLY F 165 21.39 -47.79 23.07
N THR F 166 22.10 -48.22 24.12
CA THR F 166 21.94 -49.56 24.67
C THR F 166 20.83 -49.63 25.70
N LEU F 167 20.16 -48.52 26.00
CA LEU F 167 19.07 -48.45 26.98
C LEU F 167 19.53 -48.95 28.34
N HIS F 168 20.77 -48.62 28.71
CA HIS F 168 21.29 -49.01 30.01
C HIS F 168 20.65 -48.20 31.13
N CYS F 169 20.31 -46.93 30.87
CA CYS F 169 19.56 -46.08 31.78
C CYS F 169 20.22 -46.01 33.17
N PRO F 170 21.33 -45.28 33.30
CA PRO F 170 22.00 -45.19 34.60
C PRO F 170 21.16 -44.41 35.61
N ASP F 171 21.46 -44.65 36.88
CA ASP F 171 20.76 -44.01 37.99
C ASP F 171 21.31 -42.64 38.35
N GLN F 172 22.36 -42.19 37.66
CA GLN F 172 22.94 -40.89 37.96
C GLN F 172 21.95 -39.78 37.59
N PRO F 173 21.89 -38.70 38.38
CA PRO F 173 20.77 -37.74 38.26
C PRO F 173 20.90 -36.73 37.13
N SER F 174 22.05 -36.63 36.46
CA SER F 174 22.19 -35.62 35.41
C SER F 174 21.25 -35.90 34.24
N SER F 175 21.09 -37.18 33.88
CA SER F 175 20.14 -37.54 32.83
C SER F 175 18.71 -37.22 33.25
N TRP F 176 18.38 -37.46 34.52
CA TRP F 176 17.04 -37.14 35.02
C TRP F 176 16.78 -35.65 34.93
N VAL F 177 17.76 -34.84 35.33
CA VAL F 177 17.61 -33.39 35.22
C VAL F 177 17.48 -32.98 33.76
N GLY F 178 18.24 -33.63 32.88
CA GLY F 178 18.13 -33.32 31.46
C GLY F 178 16.74 -33.59 30.91
N CYS F 179 16.15 -34.73 31.26
CA CYS F 179 14.83 -35.04 30.71
C CYS F 179 13.75 -34.18 31.36
N LYS F 180 13.93 -33.81 32.63
CA LYS F 180 13.01 -32.88 33.26
C LYS F 180 13.04 -31.52 32.57
N LEU F 181 14.24 -31.03 32.23
CA LEU F 181 14.34 -29.79 31.47
C LEU F 181 13.75 -29.94 30.08
N SER F 182 13.86 -31.13 29.47
CA SER F 182 13.23 -31.36 28.18
C SER F 182 11.71 -31.23 28.29
N LEU F 183 11.12 -31.79 29.34
CA LEU F 183 9.68 -31.67 29.53
C LEU F 183 9.26 -30.24 29.83
N VAL F 184 10.07 -29.52 30.61
CA VAL F 184 9.78 -28.11 30.88
C VAL F 184 9.81 -27.31 29.59
N PHE F 185 10.79 -27.57 28.72
CA PHE F 185 10.86 -26.91 27.43
C PHE F 185 9.62 -27.22 26.58
N LEU F 186 9.17 -28.48 26.61
CA LEU F 186 7.93 -28.85 25.91
C LEU F 186 6.75 -28.02 26.39
N GLN F 187 6.54 -27.97 27.71
CA GLN F 187 5.38 -27.24 28.24
C GLN F 187 5.47 -25.76 27.90
N TYR F 188 6.66 -25.17 28.02
CA TYR F 188 6.81 -23.76 27.70
C TYR F 188 6.49 -23.50 26.23
N CYS F 189 6.99 -24.34 25.33
CA CYS F 189 6.76 -24.12 23.91
C CYS F 189 5.28 -24.23 23.57
N ILE F 190 4.59 -25.23 24.14
CA ILE F 190 3.18 -25.41 23.84
C ILE F 190 2.38 -24.21 24.34
N MET F 191 2.64 -23.76 25.56
CA MET F 191 1.89 -22.63 26.09
C MET F 191 2.20 -21.34 25.34
N ALA F 192 3.44 -21.15 24.91
CA ALA F 192 3.78 -19.98 24.12
C ALA F 192 3.06 -20.00 22.77
N ASN F 193 2.95 -21.17 22.15
CA ASN F 193 2.20 -21.28 20.90
C ASN F 193 0.74 -20.91 21.11
N PHE F 194 0.13 -21.40 22.20
CA PHE F 194 -1.26 -21.06 22.46
C PHE F 194 -1.43 -19.56 22.69
N PHE F 195 -0.50 -18.95 23.42
CA PHE F 195 -0.63 -17.52 23.70
C PHE F 195 -0.37 -16.68 22.45
N TRP F 196 0.45 -17.15 21.51
CA TRP F 196 0.60 -16.42 20.26
C TRP F 196 -0.61 -16.58 19.34
N LEU F 197 -1.25 -17.75 19.37
CA LEU F 197 -2.53 -17.89 18.69
C LEU F 197 -3.55 -16.92 19.26
N LEU F 198 -3.52 -16.71 20.58
CA LEU F 198 -4.37 -15.70 21.20
C LEU F 198 -4.00 -14.29 20.75
N VAL F 199 -2.70 -13.98 20.68
CA VAL F 199 -2.24 -12.64 20.34
C VAL F 199 -2.63 -12.28 18.91
N GLU F 200 -2.63 -13.25 18.00
CA GLU F 200 -3.09 -12.98 16.64
C GLU F 200 -4.50 -12.41 16.63
N GLY F 201 -5.43 -13.11 17.29
CA GLY F 201 -6.80 -12.64 17.36
C GLY F 201 -6.94 -11.32 18.10
N LEU F 202 -6.13 -11.14 19.15
CA LEU F 202 -6.16 -9.87 19.88
C LEU F 202 -5.79 -8.70 18.98
N TYR F 203 -4.73 -8.87 18.18
CA TYR F 203 -4.31 -7.80 17.28
C TYR F 203 -5.35 -7.54 16.20
N LEU F 204 -5.92 -8.60 15.61
CA LEU F 204 -6.94 -8.38 14.59
C LEU F 204 -8.16 -7.67 15.16
N HIS F 205 -8.60 -8.09 16.35
CA HIS F 205 -9.74 -7.45 16.99
C HIS F 205 -9.45 -5.99 17.31
N THR F 206 -8.24 -5.70 17.79
CA THR F 206 -7.88 -4.32 18.09
C THR F 206 -7.86 -3.47 16.84
N LEU F 207 -7.37 -4.02 15.73
CA LEU F 207 -7.43 -3.29 14.46
C LEU F 207 -8.86 -3.01 14.03
N LEU F 208 -9.73 -4.01 14.15
CA LEU F 208 -11.09 -3.86 13.63
C LEU F 208 -12.01 -3.06 14.54
N VAL F 209 -11.70 -2.92 15.82
CA VAL F 209 -12.56 -2.26 16.79
C VAL F 209 -12.03 -0.89 17.17
N ALA F 210 -10.75 -0.81 17.53
CA ALA F 210 -10.15 0.48 17.87
C ALA F 210 -9.84 1.25 16.59
N MET F 211 -10.42 2.43 16.46
CA MET F 211 -10.19 3.22 15.25
C MET F 211 -8.76 3.76 15.20
N LEU F 212 -8.09 3.83 16.34
CA LEU F 212 -6.65 4.13 16.41
C LEU F 212 -6.02 3.23 17.45
N PRO F 213 -5.12 2.33 17.05
CA PRO F 213 -4.54 1.37 18.00
C PRO F 213 -3.55 2.07 18.93
N PRO F 214 -3.34 1.51 20.12
CA PRO F 214 -2.29 2.05 21.00
C PRO F 214 -0.92 1.91 20.36
N ARG F 215 -0.04 2.88 20.66
CA ARG F 215 1.28 2.88 20.05
C ARG F 215 2.13 1.74 20.59
N ARG F 216 2.18 1.58 21.91
CA ARG F 216 2.97 0.53 22.53
C ARG F 216 2.11 -0.69 22.83
N CYS F 217 1.52 -1.25 21.77
CA CYS F 217 0.75 -2.47 21.88
C CYS F 217 1.60 -3.71 21.65
N PHE F 218 2.44 -3.67 20.60
CA PHE F 218 3.23 -4.83 20.24
C PHE F 218 4.09 -5.31 21.40
N LEU F 219 4.74 -4.37 22.10
CA LEU F 219 5.53 -4.73 23.27
C LEU F 219 4.71 -5.56 24.24
N ALA F 220 3.49 -5.10 24.56
CA ALA F 220 2.63 -5.87 25.44
C ALA F 220 2.38 -7.25 24.87
N TYR F 221 2.09 -7.33 23.58
CA TYR F 221 1.92 -8.62 22.92
C TYR F 221 3.11 -9.53 23.20
N LEU F 222 4.32 -8.99 23.04
CA LEU F 222 5.52 -9.78 23.30
C LEU F 222 5.46 -10.41 24.69
N LEU F 223 5.13 -9.60 25.70
CA LEU F 223 4.98 -10.14 27.04
C LEU F 223 3.98 -11.28 27.05
N ILE F 224 2.78 -11.04 26.52
CA ILE F 224 1.76 -12.08 26.49
C ILE F 224 2.27 -13.27 25.70
N GLY F 225 3.01 -13.01 24.62
CA GLY F 225 3.53 -14.11 23.83
C GLY F 225 4.59 -14.91 24.56
N TRP F 226 5.45 -14.23 25.32
CA TRP F 226 6.60 -14.95 25.84
C TRP F 226 6.75 -14.82 27.35
N GLY F 227 6.48 -13.64 27.91
CA GLY F 227 6.60 -13.49 29.35
C GLY F 227 5.55 -14.25 30.12
N LEU F 228 4.31 -14.25 29.61
CA LEU F 228 3.21 -14.92 30.31
C LEU F 228 3.41 -16.42 30.44
N PRO F 229 3.83 -17.17 29.40
CA PRO F 229 4.08 -18.61 29.62
C PRO F 229 5.11 -18.88 30.71
N THR F 230 6.20 -18.11 30.73
CA THR F 230 7.30 -18.37 31.65
C THR F 230 6.79 -18.47 33.08
N VAL F 231 6.07 -17.46 33.54
CA VAL F 231 5.55 -17.46 34.90
C VAL F 231 4.74 -18.73 35.15
N CYS F 232 3.82 -19.03 34.23
CA CYS F 232 3.00 -20.23 34.39
C CYS F 232 3.90 -21.47 34.45
N ILE F 233 4.86 -21.56 33.52
CA ILE F 233 5.76 -22.71 33.53
C ILE F 233 6.49 -22.78 34.86
N GLY F 234 6.95 -21.62 35.35
CA GLY F 234 7.63 -21.61 36.64
C GLY F 234 6.74 -22.20 37.72
N ALA F 235 5.48 -21.79 37.75
CA ALA F 235 4.56 -22.36 38.72
C ALA F 235 4.49 -23.87 38.57
N TRP F 236 4.32 -24.34 37.34
CA TRP F 236 4.29 -25.77 37.08
C TRP F 236 5.53 -26.43 37.65
N THR F 237 6.70 -25.86 37.36
CA THR F 237 7.94 -26.45 37.85
C THR F 237 7.90 -26.58 39.36
N ALA F 238 7.47 -25.51 40.05
CA ALA F 238 7.38 -25.56 41.50
C ALA F 238 6.53 -26.74 41.94
N ALA F 239 5.35 -26.89 41.33
CA ALA F 239 4.49 -28.01 41.68
C ALA F 239 5.20 -29.33 41.44
N ARG F 240 5.86 -29.47 40.29
CA ARG F 240 6.53 -30.72 39.99
C ARG F 240 7.69 -30.97 40.94
N LEU F 241 8.25 -29.91 41.53
CA LEU F 241 9.32 -30.08 42.51
C LEU F 241 8.80 -30.24 43.92
N TYR F 242 7.51 -30.04 44.15
CA TYR F 242 6.95 -30.10 45.50
C TYR F 242 5.89 -31.16 45.65
N LEU F 243 4.94 -31.24 44.73
CA LEU F 243 3.81 -32.15 44.88
C LEU F 243 4.09 -33.53 44.29
N GLU F 244 4.76 -33.59 43.14
CA GLU F 244 5.12 -34.90 42.58
C GLU F 244 6.42 -34.76 41.78
N ASP F 245 7.53 -35.03 42.45
CA ASP F 245 8.80 -35.30 41.78
C ASP F 245 9.01 -36.80 41.60
N THR F 246 8.01 -37.46 41.01
CA THR F 246 8.00 -38.92 40.96
C THR F 246 9.16 -39.46 40.16
N GLY F 247 9.42 -38.89 38.99
CA GLY F 247 10.51 -39.31 38.14
C GLY F 247 10.74 -38.25 37.08
N CYS F 248 11.00 -38.67 35.85
CA CYS F 248 10.96 -37.73 34.74
C CYS F 248 9.54 -37.20 34.60
N TRP F 249 9.41 -35.90 34.35
CA TRP F 249 8.10 -35.28 34.45
C TRP F 249 7.27 -35.48 33.19
N ASP F 250 7.13 -36.73 32.75
CA ASP F 250 6.34 -37.06 31.57
C ASP F 250 5.00 -37.70 31.91
N THR F 251 4.67 -37.82 33.20
CA THR F 251 3.43 -38.44 33.64
C THR F 251 2.70 -37.48 34.56
N ASN F 252 1.41 -37.28 34.31
CA ASN F 252 0.57 -36.40 35.12
C ASN F 252 -0.27 -37.26 36.05
N ASP F 253 0.01 -37.19 37.35
CA ASP F 253 -0.75 -37.92 38.35
C ASP F 253 -1.49 -36.95 39.29
N HIS F 254 -0.77 -36.04 39.93
CA HIS F 254 -1.41 -35.08 40.81
C HIS F 254 -2.19 -34.05 40.00
N SER F 255 -3.34 -33.64 40.54
CA SER F 255 -4.23 -32.77 39.77
C SER F 255 -3.71 -31.34 39.69
N VAL F 256 -3.03 -30.87 40.74
CA VAL F 256 -2.61 -29.47 40.77
C VAL F 256 -1.61 -29.13 39.65
N PRO F 257 -0.53 -29.88 39.44
CA PRO F 257 0.36 -29.54 38.33
C PRO F 257 -0.30 -29.63 36.97
N TRP F 258 -1.25 -30.56 36.80
CA TRP F 258 -1.97 -30.63 35.53
C TRP F 258 -2.84 -29.41 35.31
N TRP F 259 -3.55 -28.97 36.36
CA TRP F 259 -4.41 -27.81 36.23
C TRP F 259 -3.60 -26.53 36.03
N VAL F 260 -2.40 -26.47 36.60
CA VAL F 260 -1.57 -25.27 36.47
C VAL F 260 -1.30 -24.97 34.99
N ILE F 261 -1.07 -26.00 34.19
CA ILE F 261 -0.88 -25.80 32.75
C ILE F 261 -2.16 -25.91 31.95
N ARG F 262 -3.21 -26.53 32.50
CA ARG F 262 -4.46 -26.67 31.77
C ARG F 262 -5.29 -25.39 31.77
N ILE F 263 -5.29 -24.64 32.87
CA ILE F 263 -6.14 -23.46 33.00
C ILE F 263 -5.77 -22.37 32.00
N PRO F 264 -4.50 -21.94 31.91
CA PRO F 264 -4.18 -20.85 30.96
C PRO F 264 -4.49 -21.20 29.52
N ILE F 265 -4.24 -22.45 29.12
CA ILE F 265 -4.52 -22.87 27.74
C ILE F 265 -6.01 -22.82 27.47
N LEU F 266 -6.82 -23.30 28.41
CA LEU F 266 -8.28 -23.27 28.23
C LEU F 266 -8.80 -21.84 28.17
N ILE F 267 -8.26 -20.96 29.02
CA ILE F 267 -8.68 -19.56 29.00
C ILE F 267 -8.33 -18.92 27.67
N SER F 268 -7.12 -19.19 27.18
CA SER F 268 -6.70 -18.65 25.88
C SER F 268 -7.61 -19.14 24.76
N ILE F 269 -7.97 -20.43 24.79
CA ILE F 269 -8.84 -20.99 23.76
C ILE F 269 -10.21 -20.33 23.79
N ILE F 270 -10.78 -20.15 24.98
CA ILE F 270 -12.10 -19.56 25.09
C ILE F 270 -12.10 -18.12 24.60
N VAL F 271 -11.09 -17.35 25.04
CA VAL F 271 -11.01 -15.94 24.63
C VAL F 271 -10.81 -15.83 23.13
N ASN F 272 -9.99 -16.71 22.55
CA ASN F 272 -9.77 -16.70 21.11
C ASN F 272 -11.04 -17.03 20.36
N PHE F 273 -11.85 -17.95 20.88
CA PHE F 273 -13.13 -18.26 20.24
C PHE F 273 -14.06 -17.06 20.28
N VAL F 274 -14.10 -16.35 21.41
CA VAL F 274 -14.95 -15.16 21.50
C VAL F 274 -14.51 -14.11 20.49
N LEU F 275 -13.20 -13.88 20.40
CA LEU F 275 -12.69 -12.90 19.43
C LEU F 275 -12.97 -13.33 17.99
N PHE F 276 -12.89 -14.64 17.73
CA PHE F 276 -13.24 -15.16 16.42
C PHE F 276 -14.69 -14.86 16.07
N ILE F 277 -15.60 -15.06 17.04
CA ILE F 277 -17.00 -14.77 16.80
C ILE F 277 -17.21 -13.29 16.53
N SER F 278 -16.53 -12.43 17.29
CA SER F 278 -16.66 -10.98 17.06
C SER F 278 -16.17 -10.59 15.66
N ILE F 279 -15.02 -11.12 15.25
CA ILE F 279 -14.48 -10.78 13.94
C ILE F 279 -15.38 -11.28 12.83
N ILE F 280 -15.95 -12.48 12.99
CA ILE F 280 -16.89 -12.99 11.99
C ILE F 280 -18.14 -12.13 11.94
N ARG F 281 -18.59 -11.62 13.09
CA ARG F 281 -19.74 -10.71 13.10
C ARG F 281 -19.44 -9.44 12.31
N ILE F 282 -18.27 -8.85 12.54
CA ILE F 282 -17.90 -7.65 11.80
C ILE F 282 -17.82 -7.93 10.30
N LEU F 283 -17.23 -9.06 9.93
CA LEU F 283 -17.09 -9.41 8.53
C LEU F 283 -18.45 -9.64 7.88
N LEU F 284 -19.38 -10.28 8.59
CA LEU F 284 -20.73 -10.46 8.07
C LEU F 284 -21.45 -9.13 7.91
N GLN F 285 -21.30 -8.23 8.89
CA GLN F 285 -21.91 -6.91 8.78
C GLN F 285 -21.40 -6.18 7.55
N LYS F 286 -20.12 -6.33 7.23
CA LYS F 286 -19.58 -5.65 6.06
C LYS F 286 -19.98 -6.33 4.75
N LEU F 287 -20.06 -7.66 4.74
CA LEU F 287 -20.40 -8.34 3.49
C LEU F 287 -21.88 -8.20 3.15
N THR F 288 -22.75 -8.09 4.16
CA THR F 288 -24.17 -7.95 3.88
C THR F 288 -24.49 -6.57 3.30
N SER F 289 -23.88 -5.53 3.85
CA SER F 289 -24.12 -4.17 3.36
C SER F 289 -22.93 -3.27 3.65
N GLN F 299 -22.98 -11.72 -0.44
CA GLN F 299 -22.44 -13.02 -0.80
C GLN F 299 -22.09 -13.83 0.44
N TYR F 300 -22.34 -15.14 0.38
CA TYR F 300 -22.05 -16.03 1.50
C TYR F 300 -20.90 -16.98 1.23
N LYS F 301 -20.46 -17.12 -0.03
CA LYS F 301 -19.26 -17.90 -0.30
C LYS F 301 -18.01 -17.19 0.20
N ARG F 302 -17.97 -15.86 0.05
CA ARG F 302 -16.84 -15.09 0.56
C ARG F 302 -16.74 -15.19 2.08
N LEU F 303 -17.87 -15.13 2.77
CA LEU F 303 -17.86 -15.26 4.22
C LEU F 303 -17.36 -16.62 4.66
N ALA F 304 -17.82 -17.68 3.99
CA ALA F 304 -17.35 -19.03 4.34
C ALA F 304 -15.87 -19.19 4.06
N LYS F 305 -15.39 -18.67 2.93
CA LYS F 305 -13.98 -18.76 2.62
C LYS F 305 -13.14 -18.00 3.64
N SER F 306 -13.61 -16.83 4.06
CA SER F 306 -12.87 -16.04 5.05
C SER F 306 -12.86 -16.74 6.40
N THR F 307 -13.98 -17.34 6.80
CA THR F 307 -14.01 -18.08 8.07
C THR F 307 -13.05 -19.26 8.04
N LEU F 308 -13.05 -20.02 6.94
CA LEU F 308 -12.12 -21.15 6.83
C LEU F 308 -10.67 -20.68 6.79
N LEU F 309 -10.42 -19.52 6.17
CA LEU F 309 -9.07 -18.98 6.13
C LEU F 309 -8.62 -18.50 7.50
N LEU F 310 -9.54 -17.99 8.31
CA LEU F 310 -9.20 -17.45 9.62
C LEU F 310 -9.18 -18.52 10.71
N ILE F 311 -9.73 -19.70 10.45
CA ILE F 311 -9.69 -20.78 11.46
C ILE F 311 -8.27 -21.17 11.85
N PRO F 312 -7.35 -21.49 10.92
CA PRO F 312 -6.01 -21.90 11.35
C PRO F 312 -5.21 -20.82 12.05
N LEU F 313 -5.40 -19.55 11.69
CA LEU F 313 -4.60 -18.48 12.28
C LEU F 313 -4.92 -18.27 13.75
N PHE F 314 -6.14 -18.60 14.17
CA PHE F 314 -6.55 -18.42 15.55
C PHE F 314 -6.48 -19.71 16.36
N GLY F 315 -6.41 -20.87 15.71
CA GLY F 315 -6.43 -22.13 16.42
C GLY F 315 -7.75 -22.38 17.12
N VAL F 316 -8.86 -22.16 16.41
CA VAL F 316 -10.18 -22.34 17.02
C VAL F 316 -10.64 -23.79 17.01
N HIS F 317 -9.95 -24.67 16.29
CA HIS F 317 -10.30 -26.09 16.33
C HIS F 317 -10.05 -26.68 17.72
N TYR F 318 -9.15 -26.08 18.49
CA TYR F 318 -8.97 -26.50 19.88
C TYR F 318 -10.22 -26.29 20.70
N MET F 319 -11.15 -25.45 20.23
CA MET F 319 -12.42 -25.27 20.89
C MET F 319 -13.28 -26.53 20.84
N VAL F 320 -13.01 -27.44 19.90
CA VAL F 320 -13.85 -28.62 19.74
C VAL F 320 -13.78 -29.51 20.97
N PHE F 321 -12.56 -29.74 21.48
CA PHE F 321 -12.36 -30.65 22.60
C PHE F 321 -12.13 -29.93 23.93
N ALA F 322 -12.11 -28.60 23.93
CA ALA F 322 -11.93 -27.87 25.18
C ALA F 322 -13.19 -27.91 26.03
N VAL F 323 -14.35 -27.78 25.41
CA VAL F 323 -15.62 -27.82 26.14
C VAL F 323 -16.24 -29.21 26.17
N PHE F 324 -15.90 -30.06 25.22
CA PHE F 324 -16.47 -31.41 25.19
C PHE F 324 -15.97 -32.22 26.38
N PRO F 325 -16.85 -32.95 27.07
CA PRO F 325 -16.41 -33.73 28.22
C PRO F 325 -15.46 -34.85 27.82
N ILE F 326 -14.60 -35.24 28.76
CA ILE F 326 -13.60 -36.27 28.52
C ILE F 326 -14.29 -37.61 28.80
N SER F 327 -14.97 -38.13 27.78
CA SER F 327 -15.67 -39.41 27.92
C SER F 327 -15.51 -40.30 26.70
N ILE F 328 -14.58 -40.00 25.80
CA ILE F 328 -14.40 -40.78 24.58
C ILE F 328 -13.04 -41.46 24.60
N SER F 329 -12.57 -41.80 25.80
CA SER F 329 -11.30 -42.49 26.04
C SER F 329 -10.09 -41.68 25.59
N SER F 330 -10.28 -40.40 25.24
CA SER F 330 -9.21 -39.48 24.90
C SER F 330 -8.42 -39.91 23.68
N LYS F 331 -8.82 -41.02 23.04
CA LYS F 331 -8.16 -41.42 21.81
C LYS F 331 -8.56 -40.53 20.64
N TYR F 332 -9.84 -40.16 20.58
CA TYR F 332 -10.31 -39.28 19.51
C TYR F 332 -9.70 -37.90 19.62
N GLN F 333 -9.57 -37.37 20.85
CA GLN F 333 -8.92 -36.09 21.04
C GLN F 333 -7.47 -36.12 20.56
N ILE F 334 -6.76 -37.19 20.90
CA ILE F 334 -5.38 -37.33 20.44
C ILE F 334 -5.32 -37.36 18.92
N LEU F 335 -6.13 -38.24 18.32
CA LEU F 335 -6.10 -38.42 16.87
C LEU F 335 -6.44 -37.13 16.13
N PHE F 336 -7.41 -36.37 16.64
CA PHE F 336 -7.75 -35.12 15.96
C PHE F 336 -6.67 -34.09 16.23
N GLU F 337 -6.54 -33.66 17.49
CA GLU F 337 -5.66 -32.56 17.82
C GLU F 337 -4.22 -32.85 17.45
N LEU F 338 -3.60 -33.83 18.11
CA LEU F 338 -2.16 -34.01 17.94
C LEU F 338 -1.83 -34.29 16.48
N CYS F 339 -2.45 -35.33 15.91
CA CYS F 339 -2.12 -35.74 14.55
C CYS F 339 -2.41 -34.64 13.53
N LEU F 340 -3.67 -34.22 13.44
CA LEU F 340 -4.02 -33.26 12.39
C LEU F 340 -3.35 -31.90 12.63
N GLY F 341 -3.49 -31.35 13.84
CA GLY F 341 -2.93 -30.05 14.13
C GLY F 341 -1.43 -30.00 14.26
N SER F 342 -0.73 -31.14 14.17
CA SER F 342 0.71 -31.04 13.95
C SER F 342 1.03 -30.40 12.61
N PHE F 343 0.08 -30.42 11.68
CA PHE F 343 0.22 -29.75 10.39
C PHE F 343 -0.29 -28.32 10.40
N GLN F 344 -0.71 -27.81 11.56
CA GLN F 344 -1.22 -26.45 11.64
C GLN F 344 -0.16 -25.43 11.28
N GLY F 345 1.09 -25.68 11.67
CA GLY F 345 2.16 -24.76 11.29
C GLY F 345 2.35 -24.70 9.79
N LEU F 346 2.29 -25.86 9.12
CA LEU F 346 2.37 -25.88 7.67
C LEU F 346 1.21 -25.14 7.03
N VAL F 347 -0.01 -25.35 7.54
CA VAL F 347 -1.18 -24.68 7.00
C VAL F 347 -1.07 -23.17 7.16
N VAL F 348 -0.64 -22.73 8.36
CA VAL F 348 -0.49 -21.30 8.62
C VAL F 348 0.57 -20.69 7.71
N ALA F 349 1.70 -21.39 7.55
CA ALA F 349 2.75 -20.88 6.66
C ALA F 349 2.27 -20.79 5.22
N VAL F 350 1.54 -21.81 4.76
CA VAL F 350 1.02 -21.78 3.39
C VAL F 350 0.04 -20.63 3.21
N LEU F 351 -0.85 -20.41 4.17
CA LEU F 351 -1.90 -19.42 4.00
C LEU F 351 -1.39 -17.99 4.17
N TYR F 352 -0.40 -17.76 5.03
CA TYR F 352 0.01 -16.40 5.37
C TYR F 352 1.45 -16.10 4.98
N CYS F 353 2.11 -16.97 4.22
CA CYS F 353 3.44 -16.67 3.70
C CYS F 353 3.65 -17.07 2.24
N PHE F 354 2.87 -18.00 1.69
CA PHE F 354 3.06 -18.44 0.31
C PHE F 354 1.95 -17.94 -0.61
N LEU F 355 0.69 -18.14 -0.21
CA LEU F 355 -0.44 -17.66 -0.99
C LEU F 355 -0.83 -16.23 -0.66
N ASN F 356 -0.09 -15.56 0.23
CA ASN F 356 -0.29 -14.15 0.46
C ASN F 356 0.13 -13.37 -0.78
N SER F 357 -0.77 -12.50 -1.28
CA SER F 357 -0.52 -11.83 -2.55
C SER F 357 0.68 -10.90 -2.47
N GLU F 358 0.83 -10.17 -1.36
CA GLU F 358 1.89 -9.18 -1.24
C GLU F 358 3.26 -9.85 -1.27
N VAL F 359 3.45 -10.89 -0.44
CA VAL F 359 4.75 -11.56 -0.40
C VAL F 359 5.03 -12.28 -1.72
N GLN F 360 3.99 -12.80 -2.37
CA GLN F 360 4.18 -13.45 -3.66
C GLN F 360 4.63 -12.45 -4.71
N CYS F 361 4.03 -11.26 -4.74
CA CYS F 361 4.46 -10.22 -5.66
C CYS F 361 5.89 -9.78 -5.36
N GLU F 362 6.24 -9.67 -4.08
CA GLU F 362 7.60 -9.32 -3.71
C GLU F 362 8.58 -10.38 -4.20
N LEU F 363 8.22 -11.66 -4.06
CA LEU F 363 9.08 -12.74 -4.55
C LEU F 363 9.19 -12.71 -6.07
N LYS F 364 8.11 -12.38 -6.78
CA LYS F 364 8.18 -12.21 -8.22
C LYS F 364 9.13 -11.08 -8.60
N ARG F 365 9.07 -9.97 -7.88
CA ARG F 365 9.96 -8.85 -8.15
C ARG F 365 11.41 -9.26 -7.95
N LYS F 366 11.69 -9.97 -6.85
CA LYS F 366 13.06 -10.44 -6.60
C LYS F 366 13.52 -11.42 -7.67
N TRP F 367 12.63 -12.31 -8.11
CA TRP F 367 12.98 -13.29 -9.11
C TRP F 367 13.29 -12.64 -10.45
N ARG F 368 12.50 -11.65 -10.85
CA ARG F 368 12.74 -10.98 -12.13
C ARG F 368 13.93 -10.03 -12.04
N SER F 369 14.22 -9.50 -10.85
CA SER F 369 15.35 -8.59 -10.70
C SER F 369 16.68 -9.30 -10.97
N ARG F 370 16.81 -10.53 -10.50
CA ARG F 370 18.05 -11.28 -10.69
C ARG F 370 17.99 -12.08 -11.99
#